data_7EHO
#
_entry.id   7EHO
#
_cell.length_a   61.782
_cell.length_b   75.978
_cell.length_c   87.493
_cell.angle_alpha   90.000
_cell.angle_beta   107.130
_cell.angle_gamma   90.000
#
_symmetry.space_group_name_H-M   'P 1 21 1'
#
loop_
_entity.id
_entity.type
_entity.pdbx_description
1 polymer 'Chitin oligosaccharide binding protein NagB2'
2 non-polymer 'TETRAETHYLENE GLYCOL'
3 water water
#
_entity_poly.entity_id   1
_entity_poly.type   'polypeptide(L)'
_entity_poly.pdbx_seq_one_letter_code
;MGCGGTADKNPAGNNGDSAKPAETKSGDSVSLTLRHINVRDTAKNTLALLEKVVKKTEAEVPGATFKLDGVEDTVNRDVK
LKAEMAAGKPPQIFNLFGGADTQNYAKAGHLLPLNDILKELGLEDKFFELREFTVDGKIYGLPEAGFVEGFYYNTKLFAD
AGITSAPKTWDEFTKALEALKAKNITPIALGGGSGDGWAINMLANSLFVATAGPEAQEGFAKGTTKWTDPAVLDGFKRLK
DLKDKGYIDPNVLGLKYSEGQAKFYTGQAAMLFDGSWATSAILDKDKSTVKDNVGYFRFPNIGGKGDNLINGGWSNGYGF
SSHLNDAEKKAVKAFIKNFYTLEIQGEALGRDNRVPSMKGVPTPAEAAPLTKAIGEAQASAKAAFPAFDALVQPKVKVTL
EQSVQELLGGQLTPEKLVEKMQKVQDEANAGKLEHHHHHH
;
_entity_poly.pdbx_strand_id   A,B
#
loop_
_chem_comp.id
_chem_comp.type
_chem_comp.name
_chem_comp.formula
PG4 non-polymer 'TETRAETHYLENE GLYCOL' 'C8 H18 O5'
#
# COMPACT_ATOMS: atom_id res chain seq x y z
N ASP A 28 32.54 5.16 -32.18
CA ASP A 28 33.43 4.09 -32.62
C ASP A 28 32.81 2.72 -32.35
N SER A 29 33.16 1.74 -33.16
CA SER A 29 32.58 0.41 -33.04
C SER A 29 33.17 -0.35 -31.86
N VAL A 30 32.31 -1.07 -31.16
CA VAL A 30 32.74 -1.91 -30.04
C VAL A 30 31.82 -3.10 -29.95
N SER A 31 32.40 -4.28 -29.76
CA SER A 31 31.62 -5.51 -29.64
C SER A 31 31.80 -6.09 -28.24
N LEU A 32 30.69 -6.38 -27.57
CA LEU A 32 30.70 -6.91 -26.21
C LEU A 32 30.01 -8.27 -26.20
N THR A 33 30.65 -9.26 -25.58
CA THR A 33 29.99 -10.54 -25.36
C THR A 33 29.17 -10.46 -24.07
N LEU A 34 27.94 -10.93 -24.13
CA LEU A 34 27.04 -10.90 -22.97
C LEU A 34 26.70 -12.36 -22.62
N ARG A 35 27.40 -12.89 -21.57
CA ARG A 35 27.27 -14.31 -21.17
C ARG A 35 25.91 -14.30 -20.43
N HIS A 36 24.89 -15.05 -20.83
CA HIS A 36 23.63 -15.13 -20.06
C HIS A 36 23.22 -16.60 -19.87
N ILE A 37 22.30 -16.86 -18.96
CA ILE A 37 21.92 -18.23 -18.62
C ILE A 37 20.47 -18.54 -19.02
N ASN A 38 19.86 -17.72 -19.87
CA ASN A 38 18.45 -17.90 -20.25
C ASN A 38 18.35 -18.78 -21.49
N VAL A 39 18.69 -20.06 -21.34
CA VAL A 39 18.84 -20.94 -22.50
C VAL A 39 17.70 -21.93 -22.66
N ARG A 40 17.04 -22.34 -21.60
CA ARG A 40 16.00 -23.33 -21.82
C ARG A 40 14.72 -22.68 -22.27
N ASP A 41 13.81 -23.50 -22.82
CA ASP A 41 12.57 -22.96 -23.36
C ASP A 41 11.74 -22.23 -22.28
N THR A 42 11.84 -22.67 -21.03
CA THR A 42 11.14 -21.98 -19.94
C THR A 42 11.69 -20.59 -19.68
N ALA A 43 12.88 -20.25 -20.19
CA ALA A 43 13.47 -18.94 -20.01
C ALA A 43 13.32 -18.06 -21.24
N LYS A 44 12.45 -18.45 -22.18
CA LYS A 44 12.40 -17.76 -23.46
C LYS A 44 11.89 -16.34 -23.32
N ASN A 45 11.02 -16.07 -22.36
CA ASN A 45 10.53 -14.70 -22.19
C ASN A 45 11.57 -13.82 -21.51
N THR A 46 12.35 -14.39 -20.57
CA THR A 46 13.46 -13.64 -20.00
C THR A 46 14.51 -13.34 -21.06
N LEU A 47 14.77 -14.32 -21.95
CA LEU A 47 15.71 -14.06 -23.04
C LEU A 47 15.15 -12.98 -23.97
N ALA A 48 13.85 -13.03 -24.27
CA ALA A 48 13.27 -12.00 -25.13
C ALA A 48 13.36 -10.63 -24.47
N LEU A 49 13.23 -10.60 -23.15
CA LEU A 49 13.39 -9.36 -22.39
C LEU A 49 14.81 -8.83 -22.55
N LEU A 50 15.79 -9.70 -22.38
CA LEU A 50 17.19 -9.31 -22.55
C LEU A 50 17.45 -8.76 -23.95
N GLU A 51 16.92 -9.44 -24.96
CA GLU A 51 17.15 -9.03 -26.33
C GLU A 51 16.53 -7.66 -26.61
N LYS A 52 15.36 -7.42 -26.03
CA LYS A 52 14.73 -6.11 -26.19
C LYS A 52 15.61 -5.01 -25.60
N VAL A 53 16.14 -5.25 -24.39
CA VAL A 53 17.03 -4.27 -23.74
C VAL A 53 18.28 -4.06 -24.58
N VAL A 54 18.85 -5.15 -25.11
CA VAL A 54 20.02 -5.04 -25.98
C VAL A 54 19.74 -4.19 -27.21
N LYS A 55 18.62 -4.46 -27.88
CA LYS A 55 18.30 -3.69 -29.10
C LYS A 55 18.19 -2.22 -28.79
N LYS A 56 17.52 -1.89 -27.69
CA LYS A 56 17.40 -0.49 -27.29
C LYS A 56 18.76 0.12 -27.01
N THR A 57 19.61 -0.58 -26.27
CA THR A 57 20.96 -0.07 -26.00
C THR A 57 21.76 0.13 -27.30
N GLU A 58 21.65 -0.79 -28.26
CA GLU A 58 22.38 -0.66 -29.52
C GLU A 58 21.89 0.51 -30.36
N ALA A 59 20.60 0.83 -30.29
CA ALA A 59 20.08 2.02 -30.99
C ALA A 59 20.61 3.31 -30.36
N GLU A 60 20.72 3.31 -29.04
CA GLU A 60 21.07 4.50 -28.27
C GLU A 60 22.58 4.73 -28.15
N VAL A 61 23.39 3.73 -28.44
CA VAL A 61 24.85 3.86 -28.42
C VAL A 61 25.36 3.31 -29.74
N PRO A 62 25.22 4.06 -30.85
CA PRO A 62 25.59 3.52 -32.16
C PRO A 62 27.02 3.04 -32.16
N GLY A 63 27.25 1.93 -32.87
CA GLY A 63 28.56 1.31 -32.89
C GLY A 63 28.75 0.22 -31.85
N ALA A 64 27.99 0.26 -30.77
CA ALA A 64 28.07 -0.76 -29.71
C ALA A 64 27.13 -1.90 -30.05
N THR A 65 27.67 -3.12 -30.12
CA THR A 65 26.88 -4.29 -30.40
C THR A 65 27.18 -5.36 -29.35
N PHE A 66 26.17 -6.19 -29.06
CA PHE A 66 26.25 -7.17 -28.00
C PHE A 66 26.05 -8.56 -28.61
N LYS A 67 27.02 -9.46 -28.41
CA LYS A 67 26.89 -10.83 -28.87
C LYS A 67 26.38 -11.67 -27.71
N LEU A 68 25.11 -12.05 -27.76
CA LEU A 68 24.55 -12.85 -26.67
C LEU A 68 25.16 -14.25 -26.71
N ASP A 69 25.60 -14.73 -25.55
CA ASP A 69 26.26 -16.04 -25.38
C ASP A 69 25.50 -16.79 -24.28
N GLY A 70 24.48 -17.55 -24.66
CA GLY A 70 23.69 -18.28 -23.69
C GLY A 70 24.35 -19.60 -23.34
N VAL A 71 24.55 -19.83 -22.03
CA VAL A 71 25.21 -21.03 -21.50
C VAL A 71 24.40 -21.50 -20.28
N GLU A 72 24.29 -22.82 -20.09
CA GLU A 72 23.58 -23.34 -18.93
CA GLU A 72 23.56 -23.31 -18.92
C GLU A 72 24.18 -22.77 -17.65
N ASP A 73 23.31 -22.47 -16.67
CA ASP A 73 23.72 -21.81 -15.44
C ASP A 73 24.90 -22.50 -14.76
N THR A 74 24.81 -23.81 -14.52
CA THR A 74 25.86 -24.47 -13.75
C THR A 74 27.13 -24.63 -14.57
N VAL A 75 27.01 -24.83 -15.88
CA VAL A 75 28.19 -24.86 -16.75
C VAL A 75 28.91 -23.51 -16.70
N ASN A 76 28.16 -22.41 -16.85
CA ASN A 76 28.78 -21.10 -16.77
C ASN A 76 29.48 -20.90 -15.44
N ARG A 77 28.77 -21.16 -14.34
CA ARG A 77 29.31 -20.90 -13.01
C ARG A 77 30.53 -21.77 -12.72
N ASP A 78 30.38 -23.09 -12.88
CA ASP A 78 31.39 -24.03 -12.41
C ASP A 78 32.53 -24.24 -13.38
N VAL A 79 32.31 -23.96 -14.67
CA VAL A 79 33.29 -24.29 -15.69
C VAL A 79 33.72 -23.07 -16.50
N LYS A 80 32.79 -22.51 -17.29
CA LYS A 80 33.18 -21.56 -18.34
C LYS A 80 33.66 -20.24 -17.76
N LEU A 81 32.84 -19.59 -16.94
CA LEU A 81 33.26 -18.33 -16.35
C LEU A 81 34.48 -18.53 -15.46
N LYS A 82 34.52 -19.66 -14.75
CA LYS A 82 35.60 -19.92 -13.82
C LYS A 82 36.94 -20.01 -14.54
N ALA A 83 36.97 -20.69 -15.68
CA ALA A 83 38.21 -20.80 -16.45
C ALA A 83 38.59 -19.48 -17.13
N GLU A 84 37.60 -18.75 -17.67
CA GLU A 84 37.89 -17.45 -18.26
C GLU A 84 38.47 -16.51 -17.22
N MET A 85 37.96 -16.59 -15.98
CA MET A 85 38.46 -15.74 -14.93
C MET A 85 39.89 -16.14 -14.56
N ALA A 86 40.15 -17.45 -14.48
CA ALA A 86 41.51 -17.91 -14.20
C ALA A 86 42.48 -17.44 -15.28
N ALA A 87 42.01 -17.32 -16.52
CA ALA A 87 42.84 -16.80 -17.60
C ALA A 87 42.85 -15.28 -17.64
N GLY A 88 42.07 -14.62 -16.77
CA GLY A 88 41.99 -13.17 -16.79
C GLY A 88 41.24 -12.60 -17.97
N LYS A 89 40.37 -13.39 -18.62
CA LYS A 89 39.67 -12.96 -19.83
C LYS A 89 38.19 -13.29 -19.76
N PRO A 90 37.47 -12.71 -18.79
CA PRO A 90 36.01 -12.88 -18.78
C PRO A 90 35.40 -12.12 -19.96
N PRO A 91 34.19 -12.49 -20.38
CA PRO A 91 33.43 -11.63 -21.30
C PRO A 91 33.14 -10.30 -20.62
N GLN A 92 32.64 -9.32 -21.41
CA GLN A 92 32.42 -7.99 -20.86
C GLN A 92 31.26 -7.98 -19.87
N ILE A 93 30.23 -8.78 -20.13
CA ILE A 93 29.04 -8.89 -19.29
C ILE A 93 28.75 -10.37 -19.06
N PHE A 94 28.43 -10.74 -17.82
CA PHE A 94 28.24 -12.15 -17.54
C PHE A 94 27.37 -12.38 -16.31
N ASN A 95 26.53 -13.41 -16.41
CA ASN A 95 25.79 -13.88 -15.25
C ASN A 95 26.79 -14.31 -14.18
N LEU A 96 26.59 -13.78 -12.97
CA LEU A 96 27.54 -13.85 -11.85
C LEU A 96 26.78 -14.16 -10.57
N PHE A 97 27.36 -15.03 -9.73
CA PHE A 97 26.79 -15.30 -8.42
C PHE A 97 27.52 -14.50 -7.35
N GLY A 98 26.76 -14.04 -6.35
CA GLY A 98 27.32 -13.35 -5.21
C GLY A 98 28.03 -14.32 -4.28
N GLY A 99 28.58 -13.78 -3.22
CA GLY A 99 29.31 -14.63 -2.27
C GLY A 99 30.70 -15.00 -2.73
N ALA A 100 31.07 -16.27 -2.59
CA ALA A 100 32.45 -16.68 -2.83
C ALA A 100 32.91 -16.36 -4.24
N ASP A 101 32.06 -16.59 -5.24
CA ASP A 101 32.44 -16.32 -6.64
C ASP A 101 32.83 -14.88 -6.84
N THR A 102 31.96 -13.95 -6.41
CA THR A 102 32.25 -12.54 -6.57
C THR A 102 33.44 -12.13 -5.71
N GLN A 103 33.56 -12.68 -4.51
CA GLN A 103 34.73 -12.39 -3.68
C GLN A 103 36.01 -12.80 -4.39
N ASN A 104 36.04 -14.01 -4.98
CA ASN A 104 37.26 -14.48 -5.64
C ASN A 104 37.60 -13.61 -6.85
N TYR A 105 36.61 -13.37 -7.72
CA TYR A 105 36.92 -12.63 -8.94
C TYR A 105 37.22 -11.16 -8.66
N ALA A 106 36.62 -10.57 -7.64
CA ALA A 106 36.96 -9.17 -7.32
C ALA A 106 38.41 -9.04 -6.80
N LYS A 107 38.76 -9.81 -5.80
CA LYS A 107 40.13 -10.08 -5.37
C LYS A 107 41.13 -10.27 -6.50
N ALA A 108 40.76 -11.04 -7.49
CA ALA A 108 41.63 -11.24 -8.61
C ALA A 108 41.65 -10.03 -9.53
N GLY A 109 40.80 -9.04 -9.30
CA GLY A 109 40.82 -7.81 -10.07
C GLY A 109 40.04 -7.84 -11.37
N HIS A 110 39.16 -8.83 -11.55
CA HIS A 110 38.49 -9.04 -12.84
C HIS A 110 37.07 -8.48 -12.91
N LEU A 111 36.57 -7.86 -11.84
CA LEU A 111 35.22 -7.31 -11.81
C LEU A 111 35.27 -5.80 -11.80
N LEU A 112 34.44 -5.17 -12.63
CA LEU A 112 34.36 -3.72 -12.68
C LEU A 112 33.69 -3.17 -11.42
N PRO A 113 34.32 -2.24 -10.70
CA PRO A 113 33.62 -1.59 -9.58
C PRO A 113 32.48 -0.72 -10.11
N LEU A 114 31.30 -0.85 -9.49
CA LEU A 114 30.08 -0.29 -10.02
C LEU A 114 29.56 0.91 -9.23
N ASN A 115 30.24 1.32 -8.15
CA ASN A 115 29.72 2.40 -7.31
C ASN A 115 29.48 3.68 -8.09
N ASP A 116 30.47 4.11 -8.89
CA ASP A 116 30.30 5.38 -9.61
C ASP A 116 29.20 5.29 -10.66
N ILE A 117 29.10 4.15 -11.36
CA ILE A 117 28.06 3.98 -12.39
C ILE A 117 26.69 4.05 -11.75
N LEU A 118 26.51 3.35 -10.62
CA LEU A 118 25.22 3.37 -9.93
C LEU A 118 24.83 4.78 -9.54
N LYS A 119 25.78 5.54 -9.00
CA LYS A 119 25.51 6.92 -8.62
C LYS A 119 25.13 7.76 -9.84
N GLU A 120 25.88 7.62 -10.94
CA GLU A 120 25.55 8.36 -12.16
C GLU A 120 24.17 8.01 -12.67
N LEU A 121 23.76 6.75 -12.54
CA LEU A 121 22.46 6.34 -13.03
C LEU A 121 21.35 6.50 -12.00
N GLY A 122 21.66 6.99 -10.80
CA GLY A 122 20.68 7.15 -9.76
C GLY A 122 20.16 5.84 -9.20
N LEU A 123 20.99 4.80 -9.21
CA LEU A 123 20.58 3.44 -8.87
C LEU A 123 21.15 2.94 -7.56
N GLU A 124 21.95 3.76 -6.87
CA GLU A 124 22.75 3.26 -5.75
C GLU A 124 21.88 2.79 -4.60
N ASP A 125 20.68 3.35 -4.46
CA ASP A 125 19.76 3.02 -3.37
C ASP A 125 18.51 2.30 -3.87
N LYS A 126 18.52 1.78 -5.09
CA LYS A 126 17.32 1.23 -5.70
C LYS A 126 17.18 -0.27 -5.59
N PHE A 127 18.17 -0.96 -5.04
CA PHE A 127 18.15 -2.41 -4.89
C PHE A 127 17.85 -2.76 -3.43
N PHE A 128 17.24 -3.92 -3.25
CA PHE A 128 16.97 -4.41 -1.91
C PHE A 128 18.24 -4.73 -1.16
N GLU A 129 19.19 -5.41 -1.79
CA GLU A 129 20.38 -5.83 -1.07
C GLU A 129 21.51 -6.11 -2.05
N LEU A 130 22.63 -5.40 -1.91
CA LEU A 130 23.79 -5.63 -2.75
C LEU A 130 24.93 -6.31 -2.01
N ARG A 131 24.74 -6.71 -0.75
CA ARG A 131 25.88 -7.16 0.06
C ARG A 131 26.54 -8.39 -0.55
N GLU A 132 25.78 -9.26 -1.22
CA GLU A 132 26.40 -10.47 -1.75
C GLU A 132 27.38 -10.16 -2.88
N PHE A 133 27.26 -8.99 -3.50
CA PHE A 133 28.15 -8.54 -4.56
C PHE A 133 29.12 -7.45 -4.09
N THR A 134 29.16 -7.17 -2.79
CA THR A 134 29.99 -6.09 -2.27
C THR A 134 31.25 -6.67 -1.61
N VAL A 135 32.39 -6.08 -1.93
CA VAL A 135 33.68 -6.51 -1.38
C VAL A 135 34.45 -5.27 -0.97
N ASP A 136 34.69 -5.13 0.34
CA ASP A 136 35.42 -4.00 0.88
C ASP A 136 34.78 -2.67 0.47
N GLY A 137 33.45 -2.62 0.54
CA GLY A 137 32.70 -1.43 0.22
C GLY A 137 32.40 -1.22 -1.26
N LYS A 138 32.97 -2.02 -2.15
CA LYS A 138 32.80 -1.81 -3.58
C LYS A 138 31.85 -2.85 -4.17
N ILE A 139 30.97 -2.39 -5.05
CA ILE A 139 29.91 -3.20 -5.61
C ILE A 139 30.39 -3.76 -6.92
N TYR A 140 30.35 -5.09 -7.05
CA TYR A 140 30.91 -5.77 -8.20
C TYR A 140 29.88 -6.55 -9.00
N GLY A 141 28.60 -6.32 -8.77
CA GLY A 141 27.58 -7.03 -9.52
C GLY A 141 26.21 -6.52 -9.11
N LEU A 142 25.22 -6.85 -9.94
CA LEU A 142 23.87 -6.31 -9.77
C LEU A 142 22.87 -7.44 -9.89
N PRO A 143 22.18 -7.82 -8.81
CA PRO A 143 21.27 -8.96 -8.89
C PRO A 143 20.12 -8.67 -9.85
N GLU A 144 19.73 -9.69 -10.60
CA GLU A 144 18.64 -9.59 -11.55
C GLU A 144 17.31 -9.93 -10.89
N ALA A 145 17.27 -11.03 -10.14
CA ALA A 145 16.06 -11.46 -9.45
C ALA A 145 16.52 -12.18 -8.19
N GLY A 146 15.58 -12.50 -7.31
CA GLY A 146 15.91 -13.19 -6.08
C GLY A 146 14.70 -13.84 -5.46
N PHE A 147 14.66 -13.89 -4.14
CA PHE A 147 13.54 -14.48 -3.44
C PHE A 147 13.17 -13.60 -2.24
N VAL A 148 11.91 -13.72 -1.83
CA VAL A 148 11.45 -13.21 -0.55
C VAL A 148 10.79 -14.37 0.17
N GLU A 149 10.59 -14.19 1.46
CA GLU A 149 9.84 -15.14 2.28
C GLU A 149 8.65 -14.43 2.91
N GLY A 150 7.56 -15.16 3.05
CA GLY A 150 6.35 -14.61 3.66
C GLY A 150 5.29 -15.68 3.80
N PHE A 151 4.08 -15.25 4.17
CA PHE A 151 2.96 -16.16 4.39
C PHE A 151 2.10 -16.28 3.14
N TYR A 152 2.05 -17.47 2.55
CA TYR A 152 0.97 -17.81 1.63
C TYR A 152 -0.22 -18.17 2.50
N TYR A 153 -1.43 -17.82 2.08
CA TYR A 153 -2.57 -18.17 2.91
C TYR A 153 -3.80 -18.48 2.06
N ASN A 154 -4.71 -19.23 2.65
CA ASN A 154 -5.93 -19.74 2.02
C ASN A 154 -7.06 -18.80 2.40
N THR A 155 -7.54 -18.03 1.42
CA THR A 155 -8.53 -17.01 1.71
C THR A 155 -9.87 -17.61 2.11
N LYS A 156 -10.15 -18.82 1.61
CA LYS A 156 -11.42 -19.48 1.94
C LYS A 156 -11.40 -20.01 3.38
N LEU A 157 -10.29 -20.63 3.79
CA LEU A 157 -10.19 -21.07 5.19
C LEU A 157 -10.19 -19.89 6.14
N PHE A 158 -9.54 -18.78 5.75
CA PHE A 158 -9.60 -17.56 6.55
C PHE A 158 -11.04 -17.10 6.72
N ALA A 159 -11.80 -17.08 5.63
CA ALA A 159 -13.19 -16.64 5.71
C ALA A 159 -14.04 -17.57 6.55
N ASP A 160 -13.74 -18.87 6.53
CA ASP A 160 -14.45 -19.82 7.39
C ASP A 160 -14.27 -19.48 8.86
N ALA A 161 -13.14 -18.93 9.23
CA ALA A 161 -12.85 -18.58 10.62
C ALA A 161 -13.19 -17.13 10.93
N GLY A 162 -13.86 -16.43 10.02
CA GLY A 162 -14.23 -15.05 10.25
C GLY A 162 -13.14 -14.02 10.02
N ILE A 163 -12.03 -14.41 9.39
CA ILE A 163 -10.90 -13.52 9.17
C ILE A 163 -11.07 -12.92 7.78
N THR A 164 -11.46 -11.65 7.70
CA THR A 164 -11.81 -11.04 6.43
C THR A 164 -10.67 -10.26 5.80
N SER A 165 -9.49 -10.21 6.44
CA SER A 165 -8.32 -9.64 5.77
C SER A 165 -7.07 -10.20 6.42
N ALA A 166 -5.96 -10.00 5.76
CA ALA A 166 -4.70 -10.55 6.24
C ALA A 166 -4.24 -9.83 7.50
N PRO A 167 -3.62 -10.54 8.44
CA PRO A 167 -3.10 -9.90 9.67
C PRO A 167 -2.02 -8.88 9.38
N LYS A 168 -2.25 -7.64 9.82
CA LYS A 168 -1.35 -6.51 9.61
C LYS A 168 -0.30 -6.47 10.70
N THR A 169 -0.67 -6.90 11.90
CA THR A 169 0.14 -6.79 13.12
C THR A 169 0.16 -8.14 13.82
N TRP A 170 1.10 -8.30 14.76
CA TRP A 170 1.20 -9.53 15.52
C TRP A 170 -0.08 -9.83 16.32
N ASP A 171 -0.68 -8.81 16.93
CA ASP A 171 -1.90 -9.10 17.69
C ASP A 171 -3.03 -9.58 16.79
N GLU A 172 -3.14 -8.99 15.60
CA GLU A 172 -4.11 -9.47 14.61
C GLU A 172 -3.74 -10.87 14.12
N PHE A 173 -2.44 -11.16 14.06
CA PHE A 173 -1.95 -12.47 13.66
C PHE A 173 -2.34 -13.54 14.68
N THR A 174 -2.11 -13.26 15.97
CA THR A 174 -2.47 -14.23 16.98
C THR A 174 -3.98 -14.38 17.08
N LYS A 175 -4.76 -13.35 16.72
CA LYS A 175 -6.15 -13.66 16.94
C LYS A 175 -6.72 -14.40 15.75
N ALA A 176 -6.13 -14.20 14.56
CA ALA A 176 -6.42 -15.07 13.43
C ALA A 176 -6.09 -16.52 13.76
N LEU A 177 -4.95 -16.75 14.44
CA LEU A 177 -4.57 -18.11 14.79
C LEU A 177 -5.60 -18.72 15.74
N GLU A 178 -6.01 -17.95 16.75
CA GLU A 178 -7.01 -18.43 17.70
C GLU A 178 -8.32 -18.78 17.00
N ALA A 179 -8.75 -17.94 16.04
CA ALA A 179 -9.99 -18.19 15.33
C ALA A 179 -9.90 -19.45 14.47
N LEU A 180 -8.74 -19.66 13.83
CA LEU A 180 -8.55 -20.85 13.01
C LEU A 180 -8.56 -22.12 13.87
N LYS A 181 -7.82 -22.09 14.98
CA LYS A 181 -7.78 -23.21 15.92
C LYS A 181 -9.18 -23.54 16.44
N ALA A 182 -9.98 -22.52 16.75
CA ALA A 182 -11.33 -22.74 17.26
C ALA A 182 -12.24 -23.40 16.23
N LYS A 183 -11.92 -23.25 14.94
CA LYS A 183 -12.68 -23.91 13.89
C LYS A 183 -12.08 -25.26 13.53
N ASN A 184 -11.06 -25.70 14.27
CA ASN A 184 -10.36 -26.96 13.99
CA ASN A 184 -10.35 -26.95 14.00
C ASN A 184 -9.74 -26.94 12.59
N ILE A 185 -9.16 -25.79 12.23
CA ILE A 185 -8.38 -25.66 11.01
C ILE A 185 -6.92 -25.57 11.45
N THR A 186 -6.06 -26.41 10.90
CA THR A 186 -4.63 -26.28 11.16
C THR A 186 -4.17 -24.90 10.72
N PRO A 187 -3.69 -24.04 11.63
CA PRO A 187 -3.36 -22.65 11.26
C PRO A 187 -2.17 -22.52 10.33
N ILE A 188 -1.02 -23.10 10.70
CA ILE A 188 0.24 -22.94 9.97
C ILE A 188 0.76 -24.30 9.57
N ALA A 189 0.86 -24.55 8.27
CA ALA A 189 1.55 -25.72 7.75
C ALA A 189 3.06 -25.54 7.85
N LEU A 190 3.75 -26.63 8.17
CA LEU A 190 5.21 -26.59 8.27
C LEU A 190 5.72 -28.03 8.30
N GLY A 191 6.65 -28.31 7.42
CA GLY A 191 7.34 -29.59 7.41
C GLY A 191 8.79 -29.40 7.80
N GLY A 192 9.13 -29.76 9.04
CA GLY A 192 10.43 -29.44 9.58
C GLY A 192 11.17 -30.63 10.14
N GLY A 193 10.78 -31.83 9.74
CA GLY A 193 11.30 -33.05 10.32
C GLY A 193 12.59 -33.48 9.64
N SER A 194 13.20 -34.51 10.22
CA SER A 194 14.44 -35.10 9.73
C SER A 194 15.50 -34.06 9.37
N GLY A 195 15.82 -33.95 8.07
CA GLY A 195 16.85 -33.03 7.60
C GLY A 195 16.35 -31.66 7.17
N ASP A 196 15.09 -31.31 7.48
CA ASP A 196 14.48 -30.09 6.99
C ASP A 196 14.31 -29.03 8.08
N GLY A 197 15.25 -28.97 9.03
CA GLY A 197 15.20 -27.92 10.04
C GLY A 197 15.28 -26.53 9.44
N TRP A 198 15.93 -26.40 8.29
CA TRP A 198 16.01 -25.10 7.62
C TRP A 198 14.63 -24.53 7.35
N ALA A 199 13.61 -25.38 7.18
CA ALA A 199 12.28 -24.86 6.87
C ALA A 199 11.66 -24.22 8.11
N ILE A 200 11.93 -24.77 9.30
CA ILE A 200 11.55 -24.09 10.52
C ILE A 200 12.29 -22.77 10.64
N ASN A 201 13.57 -22.76 10.28
CA ASN A 201 14.38 -21.55 10.38
C ASN A 201 13.86 -20.40 9.50
N MET A 202 13.17 -20.71 8.39
CA MET A 202 12.55 -19.62 7.65
C MET A 202 11.62 -18.83 8.53
N LEU A 203 10.69 -19.52 9.21
CA LEU A 203 9.77 -18.83 10.11
C LEU A 203 10.51 -18.24 11.31
N ALA A 204 11.42 -19.01 11.93
CA ALA A 204 12.18 -18.48 13.08
C ALA A 204 12.97 -17.24 12.73
N ASN A 205 13.24 -17.08 11.42
CA ASN A 205 14.41 -16.36 10.94
C ASN A 205 13.80 -15.05 11.30
N SER A 206 12.61 -14.84 10.63
CA SER A 206 11.81 -13.65 10.53
C SER A 206 11.09 -13.31 11.82
N LEU A 207 10.77 -14.31 12.63
CA LEU A 207 10.26 -14.03 13.97
C LEU A 207 11.30 -13.31 14.83
N PHE A 208 12.56 -13.75 14.82
CA PHE A 208 13.50 -13.06 15.71
C PHE A 208 14.03 -11.79 15.08
N VAL A 209 13.87 -11.60 13.77
CA VAL A 209 14.14 -10.28 13.21
C VAL A 209 12.98 -9.35 13.58
N ALA A 210 11.76 -9.88 13.68
CA ALA A 210 10.66 -9.05 14.13
C ALA A 210 10.76 -8.71 15.61
N THR A 211 11.32 -9.60 16.43
CA THR A 211 11.39 -9.30 17.87
C THR A 211 12.62 -8.49 18.23
N ALA A 212 13.72 -8.66 17.49
CA ALA A 212 15.00 -8.06 17.84
C ALA A 212 15.48 -7.03 16.85
N GLY A 213 14.92 -6.99 15.65
CA GLY A 213 15.40 -6.09 14.61
C GLY A 213 16.46 -6.75 13.76
N PRO A 214 16.67 -6.22 12.55
CA PRO A 214 17.65 -6.84 11.63
C PRO A 214 19.08 -6.74 12.12
N GLU A 215 19.41 -5.72 12.91
CA GLU A 215 20.79 -5.50 13.29
C GLU A 215 21.32 -6.59 14.20
N ALA A 216 20.45 -7.32 14.93
CA ALA A 216 20.96 -8.36 15.82
C ALA A 216 21.72 -9.42 15.05
N GLN A 217 21.13 -9.98 13.99
CA GLN A 217 21.80 -11.05 13.27
C GLN A 217 23.01 -10.56 12.48
N GLU A 218 23.04 -9.27 12.12
CA GLU A 218 24.22 -8.71 11.49
C GLU A 218 25.44 -8.77 12.40
N GLY A 219 25.23 -8.65 13.71
CA GLY A 219 26.32 -8.60 14.66
C GLY A 219 26.78 -9.94 15.20
N PHE A 220 26.05 -11.03 14.91
CA PHE A 220 26.44 -12.34 15.45
C PHE A 220 27.87 -12.69 15.07
N ALA A 221 28.20 -12.61 13.78
CA ALA A 221 29.53 -12.98 13.31
C ALA A 221 30.58 -11.94 13.66
N LYS A 222 30.17 -10.77 14.17
CA LYS A 222 31.10 -9.74 14.56
C LYS A 222 31.38 -9.71 16.05
N GLY A 223 30.59 -10.42 16.86
CA GLY A 223 30.71 -10.35 18.29
C GLY A 223 30.07 -9.14 18.94
N THR A 224 29.37 -8.29 18.18
CA THR A 224 28.73 -7.10 18.73
C THR A 224 27.34 -7.37 19.26
N THR A 225 26.70 -8.46 18.84
CA THR A 225 25.41 -8.90 19.35
C THR A 225 25.50 -10.39 19.55
N LYS A 226 24.51 -10.96 20.24
CA LYS A 226 24.55 -12.36 20.59
C LYS A 226 23.19 -13.03 20.42
N TRP A 227 23.22 -14.32 20.10
CA TRP A 227 22.01 -15.14 20.05
C TRP A 227 21.26 -15.10 21.37
N THR A 228 21.98 -14.90 22.47
CA THR A 228 21.42 -14.87 23.80
C THR A 228 20.79 -13.54 24.19
N ASP A 229 20.87 -12.53 23.34
CA ASP A 229 20.26 -11.25 23.69
C ASP A 229 18.75 -11.43 23.86
N PRO A 230 18.14 -10.75 24.82
CA PRO A 230 16.77 -11.10 25.22
C PRO A 230 15.75 -10.97 24.13
N ALA A 231 15.93 -9.99 23.22
CA ALA A 231 14.97 -9.82 22.13
C ALA A 231 15.08 -10.93 21.10
N VAL A 232 16.28 -11.50 20.92
CA VAL A 232 16.43 -12.66 20.04
C VAL A 232 15.79 -13.88 20.69
N LEU A 233 16.11 -14.10 21.97
CA LEU A 233 15.47 -15.16 22.75
C LEU A 233 13.95 -15.09 22.64
N ASP A 234 13.39 -13.87 22.71
CA ASP A 234 11.95 -13.69 22.60
C ASP A 234 11.39 -14.30 21.33
N GLY A 235 12.11 -14.18 20.21
CA GLY A 235 11.64 -14.77 18.96
C GLY A 235 11.50 -16.27 19.06
N PHE A 236 12.45 -16.93 19.72
CA PHE A 236 12.38 -18.38 19.85
C PHE A 236 11.33 -18.79 20.87
N LYS A 237 11.07 -17.95 21.88
CA LYS A 237 9.97 -18.24 22.79
C LYS A 237 8.63 -18.14 22.06
N ARG A 238 8.46 -17.13 21.21
CA ARG A 238 7.22 -17.03 20.44
C ARG A 238 7.09 -18.18 19.45
N LEU A 239 8.21 -18.64 18.89
CA LEU A 239 8.18 -19.78 17.98
C LEU A 239 7.69 -21.02 18.70
N LYS A 240 8.28 -21.31 19.85
CA LYS A 240 7.83 -22.47 20.64
C LYS A 240 6.36 -22.35 21.03
N ASP A 241 5.90 -21.15 21.38
CA ASP A 241 4.50 -20.98 21.78
C ASP A 241 3.55 -21.25 20.62
N LEU A 242 3.92 -20.87 19.40
CA LEU A 242 3.10 -21.23 18.24
C LEU A 242 2.95 -22.74 18.14
N LYS A 243 4.02 -23.48 18.39
CA LYS A 243 3.94 -24.92 18.32
C LYS A 243 3.13 -25.49 19.48
N ASP A 244 3.36 -24.97 20.69
CA ASP A 244 2.73 -25.53 21.88
C ASP A 244 1.22 -25.32 21.88
N LYS A 245 0.75 -24.28 21.20
CA LYS A 245 -0.68 -24.03 21.17
C LYS A 245 -1.38 -24.67 19.97
N GLY A 246 -0.64 -25.42 19.16
CA GLY A 246 -1.19 -26.07 17.99
C GLY A 246 -1.37 -25.17 16.78
N TYR A 247 -0.76 -23.98 16.78
CA TYR A 247 -0.85 -23.10 15.63
C TYR A 247 0.07 -23.58 14.51
N ILE A 248 1.31 -23.93 14.85
CA ILE A 248 2.12 -24.74 13.95
C ILE A 248 1.61 -26.17 14.01
N ASP A 249 1.39 -26.77 12.84
CA ASP A 249 0.95 -28.16 12.68
C ASP A 249 1.63 -29.05 13.72
N PRO A 250 0.87 -29.70 14.61
CA PRO A 250 1.48 -30.66 15.54
C PRO A 250 2.36 -31.73 14.89
N ASN A 251 2.06 -32.14 13.65
CA ASN A 251 2.87 -33.13 12.98
C ASN A 251 4.14 -32.58 12.32
N VAL A 252 4.53 -31.35 12.66
CA VAL A 252 5.65 -30.66 12.02
C VAL A 252 6.90 -31.51 11.93
N LEU A 253 7.25 -32.23 13.01
CA LEU A 253 8.52 -32.95 13.01
C LEU A 253 8.41 -34.32 12.37
N GLY A 254 7.21 -34.72 11.97
CA GLY A 254 7.00 -35.96 11.25
C GLY A 254 6.74 -35.74 9.78
N LEU A 255 6.99 -34.53 9.28
CA LEU A 255 6.70 -34.19 7.90
C LEU A 255 7.95 -33.61 7.26
N LYS A 256 8.20 -34.02 6.02
CA LYS A 256 9.23 -33.40 5.21
C LYS A 256 8.79 -32.01 4.77
N TYR A 257 9.77 -31.20 4.35
CA TYR A 257 9.48 -29.86 3.84
C TYR A 257 8.38 -29.90 2.79
N SER A 258 8.49 -30.81 1.83
CA SER A 258 7.54 -30.84 0.72
C SER A 258 6.16 -31.28 1.19
N GLU A 259 6.11 -32.10 2.24
CA GLU A 259 4.83 -32.50 2.81
C GLU A 259 4.17 -31.36 3.57
N GLY A 260 4.97 -30.51 4.22
CA GLY A 260 4.40 -29.30 4.81
C GLY A 260 3.80 -28.38 3.75
N GLN A 261 4.52 -28.16 2.66
CA GLN A 261 3.95 -27.44 1.53
C GLN A 261 2.66 -28.11 1.06
N ALA A 262 2.68 -29.45 1.01
CA ALA A 262 1.53 -30.24 0.56
C ALA A 262 0.33 -30.02 1.45
N LYS A 263 0.57 -29.94 2.77
CA LYS A 263 -0.51 -29.71 3.72
C LYS A 263 -1.25 -28.44 3.38
N PHE A 264 -0.53 -27.44 2.90
CA PHE A 264 -1.17 -26.18 2.55
C PHE A 264 -1.88 -26.28 1.22
N TYR A 265 -1.23 -26.91 0.24
CA TYR A 265 -1.67 -26.58 -1.08
C TYR A 265 -2.77 -27.54 -1.55
N THR A 266 -2.95 -28.63 -0.81
CA THR A 266 -4.08 -29.55 -0.85
C THR A 266 -5.17 -29.12 0.12
N GLY A 267 -5.09 -27.91 0.70
CA GLY A 267 -6.21 -27.30 1.36
C GLY A 267 -6.36 -27.54 2.85
N GLN A 268 -5.34 -28.07 3.52
CA GLN A 268 -5.47 -28.55 4.90
C GLN A 268 -4.75 -27.68 5.91
N ALA A 269 -4.28 -26.51 5.51
CA ALA A 269 -3.78 -25.56 6.49
C ALA A 269 -4.09 -24.15 5.99
N ALA A 270 -4.27 -23.23 6.94
CA ALA A 270 -4.69 -21.87 6.57
C ALA A 270 -3.55 -21.02 6.03
N MET A 271 -2.30 -21.32 6.37
CA MET A 271 -1.20 -20.52 5.88
C MET A 271 0.09 -21.33 5.88
N LEU A 272 1.09 -20.80 5.19
CA LEU A 272 2.38 -21.46 5.01
C LEU A 272 3.44 -20.39 4.88
N PHE A 273 4.46 -20.40 5.74
CA PHE A 273 5.59 -19.49 5.57
C PHE A 273 6.64 -20.17 4.68
N ASP A 274 6.97 -19.55 3.56
CA ASP A 274 7.85 -20.20 2.60
C ASP A 274 8.48 -19.13 1.71
N GLY A 275 9.53 -19.54 1.00
CA GLY A 275 10.17 -18.68 0.03
C GLY A 275 9.41 -18.63 -1.28
N SER A 276 9.68 -17.58 -2.04
CA SER A 276 8.88 -17.32 -3.23
C SER A 276 9.16 -18.32 -4.34
N TRP A 277 10.23 -19.12 -4.22
CA TRP A 277 10.42 -20.24 -5.13
C TRP A 277 9.26 -21.23 -5.02
N ALA A 278 8.53 -21.21 -3.91
CA ALA A 278 7.43 -22.16 -3.72
C ALA A 278 6.17 -21.80 -4.50
N THR A 279 6.14 -20.62 -5.12
CA THR A 279 4.94 -20.21 -5.84
C THR A 279 4.56 -21.24 -6.90
N SER A 280 5.57 -21.80 -7.58
CA SER A 280 5.29 -22.77 -8.63
C SER A 280 4.69 -24.04 -8.07
N ALA A 281 5.03 -24.41 -6.84
CA ALA A 281 4.37 -25.57 -6.20
C ALA A 281 2.96 -25.21 -5.77
N ILE A 282 2.77 -24.01 -5.20
CA ILE A 282 1.45 -23.56 -4.76
C ILE A 282 0.49 -23.40 -5.93
N LEU A 283 1.02 -23.12 -7.12
CA LEU A 283 0.20 -22.96 -8.31
C LEU A 283 0.26 -24.18 -9.23
N ASP A 284 0.77 -25.30 -8.75
CA ASP A 284 1.01 -26.44 -9.62
C ASP A 284 -0.27 -26.92 -10.28
N LYS A 285 -0.18 -27.17 -11.60
CA LYS A 285 -1.36 -27.58 -12.37
C LYS A 285 -1.91 -28.93 -11.92
N ASP A 286 -1.07 -29.85 -11.43
CA ASP A 286 -1.55 -31.17 -11.04
C ASP A 286 -1.84 -31.32 -9.56
N LYS A 287 -1.08 -30.65 -8.69
CA LYS A 287 -1.10 -30.97 -7.27
C LYS A 287 -1.85 -29.97 -6.41
N SER A 288 -2.04 -28.75 -6.88
CA SER A 288 -2.57 -27.68 -6.03
C SER A 288 -4.09 -27.58 -6.13
N THR A 289 -4.76 -27.59 -4.97
CA THR A 289 -6.19 -27.35 -4.92
C THR A 289 -6.54 -25.95 -4.43
N VAL A 290 -5.55 -25.15 -4.06
CA VAL A 290 -5.79 -23.83 -3.47
C VAL A 290 -5.54 -22.69 -4.46
N LYS A 291 -4.98 -22.98 -5.63
CA LYS A 291 -4.59 -21.97 -6.61
C LYS A 291 -5.70 -21.07 -7.11
N ASP A 292 -6.95 -21.31 -6.74
CA ASP A 292 -8.03 -20.41 -7.08
C ASP A 292 -8.38 -19.47 -5.93
N ASN A 293 -7.71 -19.59 -4.78
CA ASN A 293 -8.10 -18.85 -3.59
C ASN A 293 -6.95 -18.77 -2.59
N VAL A 294 -5.84 -18.22 -3.05
CA VAL A 294 -4.60 -18.12 -2.30
C VAL A 294 -4.18 -16.65 -2.28
N GLY A 295 -3.73 -16.19 -1.10
CA GLY A 295 -3.21 -14.84 -0.96
C GLY A 295 -1.84 -14.85 -0.32
N TYR A 296 -1.34 -13.67 0.03
CA TYR A 296 0.04 -13.57 0.53
C TYR A 296 0.19 -12.34 1.40
N PHE A 297 0.94 -12.45 2.49
CA PHE A 297 1.23 -11.26 3.29
C PHE A 297 2.56 -11.40 3.99
N ARG A 298 3.24 -10.25 4.16
CA ARG A 298 4.50 -10.18 4.87
C ARG A 298 4.31 -10.63 6.31
N PHE A 299 5.43 -10.98 6.93
CA PHE A 299 5.41 -11.26 8.35
C PHE A 299 4.83 -10.06 9.08
N PRO A 300 3.88 -10.25 9.99
CA PRO A 300 3.17 -9.10 10.58
C PRO A 300 4.05 -8.35 11.56
N ASN A 301 3.68 -7.09 11.79
CA ASN A 301 4.51 -6.18 12.59
C ASN A 301 4.33 -6.42 14.09
N ILE A 302 5.46 -6.63 14.78
CA ILE A 302 5.42 -6.75 16.23
C ILE A 302 5.56 -5.39 16.93
N GLY A 303 6.15 -4.40 16.27
CA GLY A 303 6.21 -3.06 16.79
C GLY A 303 7.57 -2.60 17.25
N GLY A 304 8.61 -3.37 16.97
CA GLY A 304 9.95 -2.98 17.34
C GLY A 304 10.79 -2.51 16.16
N LYS A 305 12.04 -2.94 16.14
CA LYS A 305 13.00 -2.49 15.12
C LYS A 305 12.85 -3.22 13.80
N GLY A 306 11.99 -4.23 13.69
CA GLY A 306 11.81 -4.99 12.47
C GLY A 306 10.53 -4.72 11.70
N ASP A 307 9.79 -3.66 12.02
CA ASP A 307 8.53 -3.42 11.32
C ASP A 307 8.75 -3.15 9.83
N ASN A 308 7.83 -3.68 9.01
CA ASN A 308 7.75 -3.40 7.57
C ASN A 308 8.96 -3.88 6.76
N LEU A 309 9.68 -4.86 7.28
CA LEU A 309 10.79 -5.47 6.57
C LEU A 309 10.33 -6.79 5.98
N ILE A 310 11.04 -7.24 4.93
CA ILE A 310 10.76 -8.53 4.31
C ILE A 310 12.07 -9.28 4.18
N ASN A 311 12.05 -10.56 4.57
CA ASN A 311 13.22 -11.41 4.35
C ASN A 311 13.44 -11.71 2.87
N GLY A 312 14.70 -11.70 2.45
CA GLY A 312 14.96 -12.01 1.06
C GLY A 312 16.43 -12.33 0.83
N GLY A 313 16.71 -12.74 -0.41
CA GLY A 313 18.08 -12.98 -0.84
C GLY A 313 18.26 -12.70 -2.31
N TRP A 314 19.40 -12.11 -2.68
CA TRP A 314 19.65 -11.70 -4.07
C TRP A 314 21.10 -12.02 -4.38
N SER A 315 21.34 -13.20 -4.94
CA SER A 315 22.68 -13.72 -5.08
C SER A 315 23.08 -13.97 -6.54
N ASN A 316 22.22 -13.65 -7.50
CA ASN A 316 22.54 -13.91 -8.90
C ASN A 316 22.18 -12.70 -9.75
N GLY A 317 23.10 -12.33 -10.63
CA GLY A 317 22.80 -11.22 -11.54
C GLY A 317 23.93 -11.03 -12.54
N TYR A 318 24.17 -9.80 -12.98
CA TYR A 318 25.21 -9.52 -13.96
C TYR A 318 26.40 -8.87 -13.29
N GLY A 319 27.58 -9.41 -13.58
CA GLY A 319 28.83 -8.75 -13.27
C GLY A 319 29.44 -8.29 -14.60
N PHE A 320 30.49 -7.46 -14.47
CA PHE A 320 31.10 -6.85 -15.63
C PHE A 320 32.61 -6.95 -15.53
N SER A 321 33.26 -7.15 -16.69
CA SER A 321 34.71 -7.23 -16.69
C SER A 321 35.33 -5.90 -16.27
N SER A 322 36.46 -5.96 -15.54
CA SER A 322 37.22 -4.76 -15.25
C SER A 322 38.11 -4.35 -16.41
N HIS A 323 38.31 -5.24 -17.38
CA HIS A 323 39.30 -5.05 -18.45
C HIS A 323 38.66 -4.38 -19.66
N LEU A 324 38.28 -3.12 -19.48
CA LEU A 324 37.44 -2.39 -20.44
C LEU A 324 38.10 -1.10 -20.93
N ASN A 325 37.97 -0.84 -22.23
CA ASN A 325 38.32 0.48 -22.74
C ASN A 325 37.14 1.44 -22.55
N ASP A 326 37.31 2.69 -22.99
CA ASP A 326 36.29 3.69 -22.76
C ASP A 326 34.99 3.34 -23.46
N ALA A 327 35.09 2.84 -24.69
CA ALA A 327 33.90 2.46 -25.44
C ALA A 327 33.14 1.36 -24.72
N GLU A 328 33.85 0.35 -24.22
CA GLU A 328 33.20 -0.74 -23.50
C GLU A 328 32.56 -0.22 -22.21
N LYS A 329 33.25 0.66 -21.48
CA LYS A 329 32.66 1.19 -20.25
C LYS A 329 31.37 1.97 -20.55
N LYS A 330 31.35 2.71 -21.67
CA LYS A 330 30.12 3.43 -22.02
C LYS A 330 28.98 2.48 -22.36
N ALA A 331 29.27 1.38 -23.05
CA ALA A 331 28.22 0.45 -23.44
C ALA A 331 27.71 -0.34 -22.24
N VAL A 332 28.60 -0.69 -21.32
CA VAL A 332 28.21 -1.35 -20.06
C VAL A 332 27.28 -0.46 -19.25
N LYS A 333 27.64 0.81 -19.08
CA LYS A 333 26.75 1.72 -18.36
C LYS A 333 25.39 1.84 -19.06
N ALA A 334 25.39 1.95 -20.39
CA ALA A 334 24.14 2.05 -21.13
C ALA A 334 23.29 0.79 -20.98
N PHE A 335 23.92 -0.39 -21.02
CA PHE A 335 23.17 -1.61 -20.78
C PHE A 335 22.57 -1.61 -19.38
N ILE A 336 23.36 -1.24 -18.37
CA ILE A 336 22.86 -1.22 -17.00
C ILE A 336 21.67 -0.28 -16.90
N LYS A 337 21.77 0.88 -17.54
CA LYS A 337 20.69 1.86 -17.46
C LYS A 337 19.40 1.31 -18.06
N ASN A 338 19.50 0.58 -19.18
CA ASN A 338 18.30 0.07 -19.83
C ASN A 338 17.79 -1.24 -19.23
N PHE A 339 18.64 -2.00 -18.53
CA PHE A 339 18.21 -3.29 -18.01
C PHE A 339 17.62 -3.18 -16.61
N TYR A 340 18.24 -2.36 -15.76
CA TYR A 340 17.85 -2.26 -14.35
C TYR A 340 16.86 -1.10 -14.18
N THR A 341 15.64 -1.34 -14.66
CA THR A 341 14.53 -0.40 -14.53
C THR A 341 13.34 -1.12 -13.93
N LEU A 342 12.46 -0.34 -13.30
CA LEU A 342 11.26 -0.90 -12.72
C LEU A 342 10.42 -1.62 -13.77
N GLU A 343 10.33 -1.05 -14.97
CA GLU A 343 9.55 -1.71 -16.02
C GLU A 343 10.10 -3.11 -16.36
N ILE A 344 11.43 -3.22 -16.57
CA ILE A 344 12.00 -4.51 -16.93
C ILE A 344 11.87 -5.49 -15.79
N GLN A 345 12.13 -5.03 -14.57
CA GLN A 345 11.89 -5.85 -13.38
C GLN A 345 10.42 -6.29 -13.30
N GLY A 346 9.50 -5.39 -13.62
CA GLY A 346 8.09 -5.72 -13.52
C GLY A 346 7.64 -6.72 -14.57
N GLU A 347 8.21 -6.64 -15.78
CA GLU A 347 7.84 -7.60 -16.82
C GLU A 347 8.21 -9.02 -16.43
N ALA A 348 9.41 -9.20 -15.85
CA ALA A 348 9.85 -10.54 -15.44
C ALA A 348 9.00 -11.06 -14.29
N LEU A 349 8.60 -10.17 -13.39
CA LEU A 349 7.72 -10.57 -12.29
C LEU A 349 6.37 -11.03 -12.83
N GLY A 350 5.74 -10.22 -13.70
CA GLY A 350 4.41 -10.55 -14.17
C GLY A 350 4.38 -11.81 -15.01
N ARG A 351 5.36 -11.98 -15.90
CA ARG A 351 5.34 -13.10 -16.85
C ARG A 351 5.77 -14.41 -16.21
N ASP A 352 6.81 -14.39 -15.36
CA ASP A 352 7.45 -15.62 -14.92
C ASP A 352 7.60 -15.75 -13.42
N ASN A 353 6.92 -14.91 -12.63
CA ASN A 353 7.04 -14.90 -11.17
C ASN A 353 8.50 -14.78 -10.74
N ARG A 354 9.28 -14.04 -11.53
CA ARG A 354 10.65 -13.70 -11.13
CA ARG A 354 10.65 -13.71 -11.12
C ARG A 354 10.62 -12.53 -10.15
N VAL A 355 11.07 -12.78 -8.93
CA VAL A 355 10.95 -11.78 -7.87
C VAL A 355 11.97 -10.68 -8.08
N PRO A 356 11.57 -9.40 -8.08
CA PRO A 356 12.51 -8.30 -8.34
C PRO A 356 13.68 -8.27 -7.38
N SER A 357 14.81 -7.75 -7.89
CA SER A 357 15.91 -7.32 -7.05
C SER A 357 15.80 -5.84 -6.66
N MET A 358 14.96 -5.08 -7.35
CA MET A 358 14.87 -3.63 -7.18
C MET A 358 13.64 -3.30 -6.35
N LYS A 359 13.73 -2.20 -5.59
CA LYS A 359 12.63 -1.80 -4.71
C LYS A 359 11.54 -1.10 -5.50
N GLY A 360 10.31 -1.21 -4.99
CA GLY A 360 9.20 -0.46 -5.53
C GLY A 360 8.69 -0.91 -6.88
N VAL A 361 8.94 -2.16 -7.27
CA VAL A 361 8.56 -2.60 -8.62
C VAL A 361 7.07 -2.91 -8.71
N PRO A 362 6.34 -2.30 -9.64
CA PRO A 362 4.91 -2.61 -9.78
C PRO A 362 4.69 -3.87 -10.60
N THR A 363 3.56 -4.52 -10.31
CA THR A 363 3.20 -5.73 -11.04
C THR A 363 2.30 -5.38 -12.21
N PRO A 364 2.60 -5.85 -13.42
CA PRO A 364 1.69 -5.62 -14.56
C PRO A 364 0.30 -6.14 -14.27
N ALA A 365 -0.71 -5.41 -14.79
CA ALA A 365 -2.09 -5.73 -14.47
C ALA A 365 -2.51 -7.10 -15.01
N GLU A 366 -1.80 -7.60 -16.02
CA GLU A 366 -2.10 -8.89 -16.63
C GLU A 366 -1.57 -10.05 -15.81
N ALA A 367 -0.86 -9.80 -14.71
CA ALA A 367 -0.28 -10.87 -13.93
C ALA A 367 -1.34 -11.63 -13.14
N ALA A 368 -0.97 -12.80 -12.66
CA ALA A 368 -1.87 -13.61 -11.86
C ALA A 368 -2.05 -12.99 -10.48
N PRO A 369 -3.19 -13.23 -9.83
CA PRO A 369 -3.43 -12.63 -8.51
C PRO A 369 -2.35 -12.93 -7.48
N LEU A 370 -1.85 -14.17 -7.42
CA LEU A 370 -0.81 -14.48 -6.43
C LEU A 370 0.48 -13.73 -6.75
N THR A 371 0.80 -13.58 -8.04
CA THR A 371 1.96 -12.77 -8.42
C THR A 371 1.81 -11.35 -7.92
N LYS A 372 0.64 -10.74 -8.14
CA LYS A 372 0.39 -9.39 -7.65
C LYS A 372 0.48 -9.31 -6.13
N ALA A 373 0.00 -10.36 -5.45
CA ALA A 373 0.05 -10.36 -4.00
C ALA A 373 1.49 -10.34 -3.50
N ILE A 374 2.35 -11.20 -4.06
CA ILE A 374 3.75 -11.22 -3.65
C ILE A 374 4.44 -9.93 -4.04
N GLY A 375 4.17 -9.42 -5.25
CA GLY A 375 4.77 -8.17 -5.68
C GLY A 375 4.50 -7.02 -4.74
N GLU A 376 3.22 -6.86 -4.32
CA GLU A 376 2.85 -5.74 -3.43
C GLU A 376 3.49 -5.90 -2.06
N ALA A 377 3.50 -7.10 -1.51
CA ALA A 377 4.13 -7.32 -0.22
C ALA A 377 5.60 -6.96 -0.26
N GLN A 378 6.28 -7.29 -1.36
CA GLN A 378 7.69 -6.95 -1.51
C GLN A 378 7.84 -5.46 -1.79
N ALA A 379 7.06 -4.93 -2.74
CA ALA A 379 7.28 -3.56 -3.20
C ALA A 379 6.99 -2.54 -2.11
N SER A 380 6.04 -2.84 -1.22
CA SER A 380 5.68 -1.91 -0.16
C SER A 380 6.58 -2.01 1.06
N ALA A 381 7.46 -3.02 1.11
CA ALA A 381 8.35 -3.17 2.25
C ALA A 381 9.30 -1.98 2.39
N LYS A 382 9.55 -1.58 3.64
CA LYS A 382 10.53 -0.51 3.89
C LYS A 382 11.91 -0.93 3.42
N ALA A 383 12.29 -2.18 3.66
CA ALA A 383 13.59 -2.70 3.29
C ALA A 383 13.54 -4.22 3.41
N ALA A 384 14.61 -4.86 2.99
CA ALA A 384 14.79 -6.29 3.15
C ALA A 384 15.90 -6.60 4.14
N PHE A 385 15.88 -7.81 4.71
CA PHE A 385 17.02 -8.32 5.47
C PHE A 385 17.41 -9.71 4.95
N PRO A 386 18.69 -10.07 5.07
CA PRO A 386 19.16 -11.34 4.53
C PRO A 386 18.68 -12.48 5.40
N ALA A 387 18.75 -13.68 4.84
CA ALA A 387 18.64 -14.88 5.67
C ALA A 387 19.83 -14.93 6.63
N PHE A 388 19.58 -15.40 7.86
CA PHE A 388 20.68 -15.43 8.84
C PHE A 388 21.86 -16.25 8.34
N ASP A 389 21.60 -17.26 7.49
CA ASP A 389 22.68 -18.12 7.00
C ASP A 389 23.58 -17.41 6.00
N ALA A 390 23.14 -16.29 5.45
CA ALA A 390 24.06 -15.45 4.66
C ALA A 390 24.99 -14.63 5.55
N LEU A 391 24.75 -14.62 6.87
CA LEU A 391 25.47 -13.78 7.80
C LEU A 391 26.31 -14.55 8.81
N VAL A 392 26.17 -15.89 8.90
CA VAL A 392 26.89 -16.69 9.88
C VAL A 392 27.55 -17.87 9.19
N GLN A 393 28.43 -18.57 9.93
CA GLN A 393 29.19 -19.67 9.38
C GLN A 393 28.35 -20.94 9.23
N PRO A 394 28.73 -21.82 8.29
CA PRO A 394 27.98 -23.07 8.09
C PRO A 394 27.67 -23.82 9.38
N LYS A 395 28.66 -23.97 10.27
CA LYS A 395 28.43 -24.74 11.48
C LYS A 395 27.32 -24.14 12.33
N VAL A 396 27.26 -22.82 12.37
CA VAL A 396 26.19 -22.13 13.09
C VAL A 396 24.83 -22.46 12.47
N LYS A 397 24.75 -22.39 11.14
CA LYS A 397 23.51 -22.75 10.45
C LYS A 397 23.07 -24.16 10.79
N VAL A 398 23.98 -25.14 10.69
CA VAL A 398 23.64 -26.53 10.97
C VAL A 398 23.16 -26.68 12.41
N THR A 399 23.84 -26.02 13.35
CA THR A 399 23.42 -26.12 14.75
C THR A 399 22.02 -25.55 14.96
N LEU A 400 21.68 -24.44 14.31
CA LEU A 400 20.35 -23.87 14.51
C LEU A 400 19.28 -24.80 13.95
N GLU A 401 19.56 -25.46 12.83
CA GLU A 401 18.59 -26.40 12.24
C GLU A 401 18.27 -27.53 13.23
N GLN A 402 19.28 -28.14 13.81
CA GLN A 402 19.04 -29.19 14.80
C GLN A 402 18.31 -28.61 16.01
N SER A 403 18.74 -27.43 16.45
CA SER A 403 18.24 -26.87 17.70
C SER A 403 16.76 -26.52 17.62
N VAL A 404 16.32 -25.91 16.51
CA VAL A 404 14.91 -25.55 16.43
C VAL A 404 14.02 -26.78 16.31
N GLN A 405 14.54 -27.88 15.75
CA GLN A 405 13.74 -29.11 15.74
C GLN A 405 13.55 -29.60 17.18
N GLU A 406 14.63 -29.60 17.96
CA GLU A 406 14.54 -30.02 19.36
C GLU A 406 13.70 -29.04 20.17
N LEU A 407 13.76 -27.76 19.82
CA LEU A 407 12.88 -26.78 20.45
C LEU A 407 11.41 -27.12 20.20
N LEU A 408 11.02 -27.28 18.95
CA LEU A 408 9.61 -27.59 18.66
C LEU A 408 9.22 -28.93 19.24
N GLY A 409 10.17 -29.86 19.34
CA GLY A 409 9.95 -31.17 19.90
C GLY A 409 9.93 -31.22 21.40
N GLY A 410 10.12 -30.08 22.07
CA GLY A 410 10.05 -30.02 23.53
C GLY A 410 11.27 -30.57 24.22
N GLN A 411 12.38 -30.76 23.50
CA GLN A 411 13.57 -31.37 24.05
C GLN A 411 14.68 -30.35 24.33
N LEU A 412 14.47 -29.10 23.95
CA LEU A 412 15.45 -28.04 24.17
C LEU A 412 14.68 -26.78 24.48
N THR A 413 14.97 -26.15 25.62
CA THR A 413 14.26 -24.93 25.98
C THR A 413 14.79 -23.75 25.15
N PRO A 414 14.00 -22.67 25.01
CA PRO A 414 14.50 -21.48 24.30
C PRO A 414 15.81 -20.96 24.87
N GLU A 415 15.93 -20.91 26.20
CA GLU A 415 17.14 -20.44 26.84
C GLU A 415 18.33 -21.33 26.50
N LYS A 416 18.14 -22.65 26.53
CA LYS A 416 19.26 -23.52 26.22
C LYS A 416 19.57 -23.52 24.74
N LEU A 417 18.58 -23.24 23.89
CA LEU A 417 18.89 -23.10 22.47
C LEU A 417 19.85 -21.92 22.25
N VAL A 418 19.51 -20.76 22.83
CA VAL A 418 20.32 -19.57 22.51
C VAL A 418 21.72 -19.69 23.10
N GLU A 419 21.87 -20.37 24.25
CA GLU A 419 23.22 -20.55 24.76
C GLU A 419 24.01 -21.51 23.89
N LYS A 420 23.36 -22.58 23.43
CA LYS A 420 23.99 -23.49 22.47
C LYS A 420 24.42 -22.75 21.21
N MET A 421 23.55 -21.86 20.73
CA MET A 421 23.84 -21.10 19.52
C MET A 421 25.00 -20.13 19.71
N GLN A 422 25.05 -19.45 20.84
CA GLN A 422 26.15 -18.52 21.07
C GLN A 422 27.47 -19.25 21.31
N LYS A 423 27.42 -20.44 21.91
CA LYS A 423 28.63 -21.23 22.07
C LYS A 423 29.25 -21.57 20.71
N VAL A 424 28.44 -22.07 19.76
CA VAL A 424 28.96 -22.39 18.43
CA VAL A 424 29.00 -22.38 18.45
C VAL A 424 29.35 -21.11 17.69
N GLN A 425 28.58 -20.03 17.90
CA GLN A 425 28.92 -18.75 17.27
C GLN A 425 30.27 -18.24 17.74
N ASP A 426 30.53 -18.30 19.04
CA ASP A 426 31.83 -17.86 19.56
C ASP A 426 32.96 -18.71 18.98
N GLU A 427 32.76 -20.04 18.94
CA GLU A 427 33.78 -20.90 18.36
C GLU A 427 34.01 -20.60 16.89
N ALA A 428 32.92 -20.32 16.15
CA ALA A 428 33.09 -20.02 14.73
C ALA A 428 33.82 -18.71 14.53
N ASN A 429 33.50 -17.70 15.34
CA ASN A 429 34.14 -16.39 15.20
C ASN A 429 35.62 -16.48 15.52
N ALA A 430 35.99 -17.27 16.53
CA ALA A 430 37.39 -17.52 16.82
C ALA A 430 38.05 -18.33 15.72
N GLY A 431 37.26 -18.88 14.79
CA GLY A 431 37.83 -19.63 13.69
C GLY A 431 38.78 -18.80 12.84
N LYS A 432 38.50 -17.51 12.66
CA LYS A 432 39.46 -16.66 11.96
C LYS A 432 40.35 -15.97 13.00
N LEU A 433 39.75 -15.08 13.79
CA LEU A 433 40.49 -14.26 14.74
C LEU A 433 41.06 -15.10 15.89
N VAL B 30 -31.46 0.67 30.36
CA VAL B 30 -32.10 0.70 29.06
C VAL B 30 -31.05 0.47 27.97
N SER B 31 -31.39 -0.34 26.97
CA SER B 31 -30.47 -0.77 25.93
C SER B 31 -30.66 0.10 24.68
N LEU B 32 -29.64 0.90 24.38
CA LEU B 32 -29.65 1.76 23.19
C LEU B 32 -28.85 1.07 22.10
N THR B 33 -29.50 0.81 20.97
CA THR B 33 -28.80 0.27 19.81
C THR B 33 -27.96 1.38 19.19
N LEU B 34 -26.66 1.15 19.04
CA LEU B 34 -25.74 2.10 18.42
C LEU B 34 -25.29 1.48 17.11
N ARG B 35 -25.94 1.89 16.03
CA ARG B 35 -25.61 1.42 14.69
C ARG B 35 -24.40 2.16 14.16
N HIS B 36 -23.31 1.43 13.89
CA HIS B 36 -22.08 2.01 13.36
C HIS B 36 -21.63 1.25 12.13
N ILE B 37 -20.71 1.86 11.38
CA ILE B 37 -20.24 1.32 10.12
C ILE B 37 -18.75 1.00 10.15
N ASN B 38 -18.16 0.89 11.34
CA ASN B 38 -16.71 0.68 11.46
C ASN B 38 -16.40 -0.81 11.43
N VAL B 39 -16.69 -1.43 10.28
CA VAL B 39 -16.61 -2.86 10.14
C VAL B 39 -15.37 -3.32 9.36
N ARG B 40 -14.90 -2.52 8.41
CA ARG B 40 -13.75 -2.91 7.62
C ARG B 40 -12.48 -2.81 8.46
N ASP B 41 -11.44 -3.52 8.01
CA ASP B 41 -10.20 -3.60 8.78
C ASP B 41 -9.51 -2.25 8.85
N THR B 42 -9.68 -1.41 7.83
CA THR B 42 -9.09 -0.07 7.82
C THR B 42 -9.62 0.81 8.95
N ALA B 43 -10.48 0.26 9.81
CA ALA B 43 -11.19 1.08 10.79
C ALA B 43 -11.28 0.42 12.15
N LYS B 44 -10.38 -0.51 12.51
CA LYS B 44 -10.26 -0.86 13.93
C LYS B 44 -10.09 0.33 14.83
N ASN B 45 -9.22 1.28 14.47
CA ASN B 45 -8.90 2.35 15.38
C ASN B 45 -10.13 3.17 15.68
N THR B 46 -10.95 3.41 14.65
CA THR B 46 -12.22 4.10 14.84
C THR B 46 -13.17 3.28 15.71
N LEU B 47 -13.24 1.97 15.47
CA LEU B 47 -14.13 1.10 16.25
C LEU B 47 -13.70 1.04 17.71
N ALA B 48 -12.40 0.81 17.96
CA ALA B 48 -11.91 0.77 19.34
C ALA B 48 -12.18 2.09 20.05
N LEU B 49 -12.13 3.19 19.30
CA LEU B 49 -12.35 4.51 19.89
C LEU B 49 -13.83 4.70 20.23
N LEU B 50 -14.72 4.23 19.37
CA LEU B 50 -16.15 4.20 19.69
C LEU B 50 -16.40 3.43 20.99
N GLU B 51 -15.81 2.24 21.12
CA GLU B 51 -16.02 1.43 22.32
C GLU B 51 -15.50 2.14 23.57
N LYS B 52 -14.38 2.86 23.44
CA LYS B 52 -13.89 3.63 24.58
C LYS B 52 -14.92 4.67 25.03
N VAL B 53 -15.52 5.39 24.08
CA VAL B 53 -16.48 6.43 24.44
C VAL B 53 -17.71 5.80 25.06
N VAL B 54 -18.17 4.67 24.50
CA VAL B 54 -19.35 4.00 25.02
C VAL B 54 -19.11 3.56 26.44
N LYS B 55 -18.02 2.85 26.63
CA LYS B 55 -17.63 2.42 28.00
C LYS B 55 -17.52 3.60 28.97
N LYS B 56 -16.99 4.75 28.58
CA LYS B 56 -16.97 5.87 29.45
C LYS B 56 -18.37 6.38 29.72
N THR B 57 -19.23 6.41 28.69
CA THR B 57 -20.57 6.96 28.84
C THR B 57 -21.40 6.13 29.82
N GLU B 58 -21.31 4.81 29.70
CA GLU B 58 -22.04 3.93 30.60
C GLU B 58 -21.57 4.10 32.04
N ALA B 59 -20.27 4.32 32.24
CA ALA B 59 -19.76 4.57 33.58
C ALA B 59 -20.31 5.86 34.16
N GLU B 60 -20.59 6.85 33.31
CA GLU B 60 -21.18 8.10 33.76
C GLU B 60 -22.70 8.05 33.87
N VAL B 61 -23.35 7.08 33.24
CA VAL B 61 -24.81 7.07 33.20
C VAL B 61 -25.28 5.71 33.72
N PRO B 62 -25.41 5.55 35.03
CA PRO B 62 -25.94 4.29 35.56
C PRO B 62 -27.31 3.98 34.99
N GLY B 63 -27.51 2.73 34.57
CA GLY B 63 -28.76 2.32 34.00
C GLY B 63 -28.88 2.52 32.51
N ALA B 64 -27.81 2.91 31.83
CA ALA B 64 -27.80 3.01 30.38
C ALA B 64 -26.65 2.19 29.83
N THR B 65 -26.96 1.31 28.88
CA THR B 65 -25.95 0.56 28.15
C THR B 65 -26.17 0.79 26.66
N PHE B 66 -25.13 0.50 25.88
CA PHE B 66 -25.15 0.71 24.44
C PHE B 66 -24.79 -0.62 23.78
N LYS B 67 -25.75 -1.20 23.07
CA LYS B 67 -25.55 -2.40 22.25
C LYS B 67 -25.16 -2.01 20.82
N LEU B 68 -23.88 -2.19 20.54
CA LEU B 68 -23.33 -1.76 19.25
C LEU B 68 -23.72 -2.74 18.16
N ASP B 69 -24.12 -2.20 17.01
CA ASP B 69 -24.50 -3.00 15.85
C ASP B 69 -23.72 -2.48 14.64
N GLY B 70 -22.64 -3.18 14.29
CA GLY B 70 -21.80 -2.76 13.18
C GLY B 70 -22.26 -3.33 11.86
N VAL B 71 -22.38 -2.46 10.86
CA VAL B 71 -22.93 -2.81 9.55
C VAL B 71 -22.15 -2.05 8.49
N GLU B 72 -21.89 -2.71 7.35
CA GLU B 72 -21.22 -2.03 6.25
C GLU B 72 -22.02 -0.82 5.79
N ASP B 73 -21.28 0.23 5.38
CA ASP B 73 -21.90 1.51 5.05
C ASP B 73 -23.02 1.37 4.02
N THR B 74 -22.78 0.62 2.94
CA THR B 74 -23.80 0.46 1.91
C THR B 74 -25.03 -0.26 2.44
N VAL B 75 -24.83 -1.44 3.04
CA VAL B 75 -25.91 -2.22 3.68
C VAL B 75 -26.68 -1.41 4.71
N ASN B 76 -26.01 -0.58 5.52
CA ASN B 76 -26.76 0.22 6.49
C ASN B 76 -27.56 1.31 5.77
N ARG B 77 -26.88 2.09 4.93
CA ARG B 77 -27.53 3.24 4.29
C ARG B 77 -28.67 2.79 3.38
N ASP B 78 -28.35 2.03 2.34
CA ASP B 78 -29.34 1.68 1.33
C ASP B 78 -30.19 0.47 1.69
N VAL B 79 -29.96 -0.20 2.83
CA VAL B 79 -30.77 -1.37 3.16
C VAL B 79 -31.29 -1.34 4.59
N LYS B 80 -30.42 -1.63 5.58
CA LYS B 80 -30.90 -1.83 6.94
C LYS B 80 -31.59 -0.59 7.50
N LEU B 81 -30.92 0.56 7.47
CA LEU B 81 -31.51 1.77 8.04
C LEU B 81 -32.67 2.28 7.19
N LYS B 82 -32.61 2.09 5.86
CA LYS B 82 -33.72 2.47 5.00
C LYS B 82 -34.99 1.72 5.37
N ALA B 83 -34.87 0.40 5.59
CA ALA B 83 -36.01 -0.38 6.04
C ALA B 83 -36.45 0.05 7.43
N GLU B 84 -35.49 0.24 8.34
CA GLU B 84 -35.81 0.64 9.71
C GLU B 84 -36.53 1.99 9.75
N MET B 85 -36.11 2.93 8.90
CA MET B 85 -36.84 4.19 8.77
C MET B 85 -38.19 3.99 8.11
N ALA B 86 -38.30 3.04 7.18
CA ALA B 86 -39.59 2.76 6.54
C ALA B 86 -40.61 2.30 7.57
N ALA B 87 -40.24 1.30 8.39
CA ALA B 87 -41.10 0.81 9.45
C ALA B 87 -41.14 1.74 10.66
N GLY B 88 -40.50 2.90 10.58
CA GLY B 88 -40.56 3.87 11.67
C GLY B 88 -39.84 3.46 12.93
N LYS B 89 -38.91 2.50 12.85
CA LYS B 89 -38.22 1.96 14.03
C LYS B 89 -36.71 2.03 13.85
N PRO B 90 -36.12 3.22 13.84
CA PRO B 90 -34.66 3.33 13.74
C PRO B 90 -33.99 2.93 15.04
N PRO B 91 -32.70 2.61 15.01
CA PRO B 91 -31.93 2.51 16.25
C PRO B 91 -31.94 3.84 16.98
N GLN B 92 -31.52 3.81 18.25
CA GLN B 92 -31.40 5.07 18.98
C GLN B 92 -30.27 5.92 18.43
N ILE B 93 -29.18 5.28 18.01
CA ILE B 93 -28.00 5.96 17.48
C ILE B 93 -27.58 5.24 16.22
N PHE B 94 -27.35 5.99 15.14
CA PHE B 94 -27.07 5.34 13.86
C PHE B 94 -26.25 6.24 12.96
N ASN B 95 -25.34 5.62 12.21
CA ASN B 95 -24.61 6.33 11.18
C ASN B 95 -25.58 6.85 10.13
N LEU B 96 -25.44 8.13 9.79
CA LEU B 96 -26.41 8.83 8.97
C LEU B 96 -25.68 9.72 7.97
N PHE B 97 -26.21 9.83 6.76
CA PHE B 97 -25.68 10.71 5.75
C PHE B 97 -26.49 12.00 5.72
N GLY B 98 -25.79 13.11 5.55
CA GLY B 98 -26.43 14.40 5.35
C GLY B 98 -27.10 14.48 3.99
N GLY B 99 -27.80 15.60 3.79
CA GLY B 99 -28.49 15.81 2.53
C GLY B 99 -29.81 15.08 2.40
N ALA B 100 -29.92 14.24 1.37
CA ALA B 100 -31.20 13.61 1.03
C ALA B 100 -31.70 12.70 2.14
N ASP B 101 -30.83 11.80 2.64
CA ASP B 101 -31.21 10.93 3.73
C ASP B 101 -31.71 11.74 4.93
N THR B 102 -31.06 12.88 5.20
CA THR B 102 -31.44 13.66 6.37
C THR B 102 -32.78 14.36 6.20
N GLN B 103 -33.04 15.07 5.07
CA GLN B 103 -34.44 15.45 4.82
C GLN B 103 -35.45 14.34 4.90
N ASN B 104 -35.19 13.21 4.21
CA ASN B 104 -36.23 12.19 4.15
C ASN B 104 -36.59 11.67 5.54
N TYR B 105 -35.59 11.41 6.38
CA TYR B 105 -35.88 10.92 7.73
C TYR B 105 -36.36 12.04 8.66
N ALA B 106 -35.93 13.28 8.44
CA ALA B 106 -36.41 14.40 9.24
C ALA B 106 -37.89 14.71 8.93
N LYS B 107 -38.22 14.84 7.64
CA LYS B 107 -39.61 14.87 7.19
C LYS B 107 -40.46 13.79 7.84
N ALA B 108 -39.97 12.55 7.85
CA ALA B 108 -40.72 11.46 8.47
C ALA B 108 -40.78 11.58 9.99
N GLY B 109 -40.11 12.58 10.57
CA GLY B 109 -40.12 12.80 12.00
C GLY B 109 -39.33 11.79 12.82
N HIS B 110 -38.35 11.13 12.21
CA HIS B 110 -37.61 10.08 12.90
C HIS B 110 -36.29 10.54 13.48
N LEU B 111 -35.91 11.81 13.29
CA LEU B 111 -34.62 12.32 13.74
C LEU B 111 -34.82 13.31 14.86
N LEU B 112 -34.06 13.14 15.94
CA LEU B 112 -34.08 14.04 17.08
C LEU B 112 -33.44 15.39 16.74
N PRO B 113 -34.15 16.52 16.92
CA PRO B 113 -33.50 17.82 16.82
C PRO B 113 -32.43 17.97 17.90
N LEU B 114 -31.27 18.50 17.50
CA LEU B 114 -30.10 18.53 18.37
C LEU B 114 -29.71 19.93 18.82
N ASN B 115 -30.38 20.97 18.29
CA ASN B 115 -30.14 22.37 18.65
C ASN B 115 -29.97 22.60 20.16
N ASP B 116 -30.98 22.21 20.95
CA ASP B 116 -30.90 22.45 22.40
C ASP B 116 -29.86 21.56 23.07
N ILE B 117 -29.66 20.34 22.56
CA ILE B 117 -28.62 19.48 23.11
C ILE B 117 -27.25 20.15 22.97
N LEU B 118 -26.96 20.64 21.76
CA LEU B 118 -25.66 21.28 21.51
C LEU B 118 -25.46 22.47 22.44
N LYS B 119 -26.52 23.23 22.71
CA LYS B 119 -26.38 24.38 23.58
C LYS B 119 -26.05 23.96 25.01
N GLU B 120 -26.74 22.93 25.52
CA GLU B 120 -26.44 22.45 26.87
C GLU B 120 -25.01 21.97 26.98
N LEU B 121 -24.51 21.28 25.95
CA LEU B 121 -23.16 20.77 25.96
C LEU B 121 -22.13 21.80 25.52
N GLY B 122 -22.56 23.02 25.19
CA GLY B 122 -21.65 24.04 24.69
C GLY B 122 -20.95 23.64 23.41
N LEU B 123 -21.64 22.89 22.54
CA LEU B 123 -21.08 22.41 21.29
C LEU B 123 -21.63 23.12 20.08
N GLU B 124 -22.51 24.12 20.26
CA GLU B 124 -23.29 24.62 19.13
C GLU B 124 -22.44 25.34 18.08
N ASP B 125 -21.22 25.75 18.41
CA ASP B 125 -20.37 26.38 17.40
C ASP B 125 -18.97 25.73 17.42
N LYS B 126 -18.94 24.42 17.65
CA LYS B 126 -17.71 23.64 17.70
C LYS B 126 -17.46 22.84 16.44
N PHE B 127 -18.40 22.82 15.49
CA PHE B 127 -18.26 22.06 14.25
C PHE B 127 -17.97 23.02 13.10
N PHE B 128 -17.24 22.52 12.10
CA PHE B 128 -16.97 23.34 10.91
C PHE B 128 -18.26 23.71 10.19
N GLU B 129 -19.09 22.70 9.90
CA GLU B 129 -20.24 22.91 9.03
C GLU B 129 -21.31 21.88 9.29
N LEU B 130 -22.48 22.32 9.76
CA LEU B 130 -23.60 21.43 10.04
C LEU B 130 -24.70 21.53 9.00
N ARG B 131 -24.50 22.34 7.95
CA ARG B 131 -25.58 22.64 7.01
C ARG B 131 -26.15 21.39 6.36
N GLU B 132 -25.33 20.38 6.09
CA GLU B 132 -25.81 19.21 5.39
C GLU B 132 -26.70 18.33 6.28
N PHE B 133 -26.69 18.57 7.59
CA PHE B 133 -27.57 17.87 8.51
C PHE B 133 -28.68 18.77 9.03
N THR B 134 -28.85 19.97 8.46
CA THR B 134 -29.80 20.95 8.96
C THR B 134 -30.99 21.05 8.00
N VAL B 135 -32.19 21.18 8.58
CA VAL B 135 -33.42 21.35 7.82
C VAL B 135 -34.31 22.34 8.59
N ASP B 136 -34.65 23.45 7.93
CA ASP B 136 -35.45 24.50 8.55
C ASP B 136 -34.87 24.94 9.90
N GLY B 137 -33.54 25.06 9.95
CA GLY B 137 -32.86 25.52 11.13
C GLY B 137 -32.62 24.47 12.21
N LYS B 138 -33.14 23.26 12.04
CA LYS B 138 -32.99 22.23 13.06
C LYS B 138 -31.91 21.25 12.64
N ILE B 139 -30.96 21.00 13.55
CA ILE B 139 -29.84 20.10 13.31
C ILE B 139 -30.27 18.68 13.64
N TYR B 140 -30.10 17.76 12.69
CA TYR B 140 -30.56 16.38 12.85
C TYR B 140 -29.43 15.36 12.83
N GLY B 141 -28.18 15.80 12.93
CA GLY B 141 -27.08 14.86 12.91
C GLY B 141 -25.78 15.62 13.11
N LEU B 142 -24.77 14.88 13.57
CA LEU B 142 -23.47 15.50 13.87
C LEU B 142 -22.37 14.79 13.11
N PRO B 143 -21.71 15.46 12.16
CA PRO B 143 -20.68 14.79 11.35
C PRO B 143 -19.57 14.25 12.24
N GLU B 144 -19.19 12.98 12.00
CA GLU B 144 -18.10 12.35 12.72
C GLU B 144 -16.76 12.82 12.18
N ALA B 145 -16.60 12.82 10.86
CA ALA B 145 -15.39 13.23 10.19
C ALA B 145 -15.81 13.98 8.93
N GLY B 146 -14.89 14.77 8.40
CA GLY B 146 -15.09 15.45 7.14
C GLY B 146 -14.25 14.83 6.05
N PHE B 147 -14.28 15.46 4.89
CA PHE B 147 -13.36 15.12 3.82
C PHE B 147 -12.87 16.41 3.20
N VAL B 148 -11.66 16.36 2.65
CA VAL B 148 -11.21 17.39 1.73
C VAL B 148 -10.72 16.70 0.46
N GLU B 149 -10.57 17.47 -0.60
CA GLU B 149 -10.08 16.96 -1.86
C GLU B 149 -8.94 17.84 -2.33
N GLY B 150 -7.91 17.19 -2.86
CA GLY B 150 -6.72 17.88 -3.30
C GLY B 150 -5.79 16.92 -4.00
N PHE B 151 -4.57 17.37 -4.26
CA PHE B 151 -3.58 16.60 -5.02
C PHE B 151 -2.63 15.86 -4.08
N TYR B 152 -2.64 14.53 -4.16
CA TYR B 152 -1.56 13.72 -3.61
C TYR B 152 -0.48 13.72 -4.67
N TYR B 153 0.80 13.78 -4.26
CA TYR B 153 1.85 13.75 -5.28
C TYR B 153 3.06 12.98 -4.80
N ASN B 154 3.83 12.51 -5.77
CA ASN B 154 5.00 11.67 -5.52
C ASN B 154 6.23 12.57 -5.57
N THR B 155 6.90 12.74 -4.43
CA THR B 155 8.00 13.70 -4.36
C THR B 155 9.22 13.20 -5.12
N LYS B 156 9.41 11.89 -5.23
CA LYS B 156 10.51 11.37 -6.04
C LYS B 156 10.28 11.62 -7.53
N LEU B 157 9.07 11.31 -8.02
CA LEU B 157 8.81 11.53 -9.44
C LEU B 157 8.88 13.02 -9.76
N PHE B 158 8.41 13.87 -8.85
CA PHE B 158 8.59 15.31 -9.02
C PHE B 158 10.08 15.65 -9.09
N ALA B 159 10.88 15.09 -8.15
CA ALA B 159 12.32 15.32 -8.18
C ALA B 159 12.95 14.83 -9.47
N ASP B 160 12.50 13.67 -9.97
CA ASP B 160 13.02 13.15 -11.23
C ASP B 160 12.86 14.17 -12.36
N ALA B 161 11.75 14.91 -12.36
CA ALA B 161 11.46 15.89 -13.40
C ALA B 161 11.95 17.30 -13.06
N GLY B 162 12.80 17.44 -12.05
CA GLY B 162 13.35 18.75 -11.70
C GLY B 162 12.42 19.66 -10.93
N ILE B 163 11.30 19.15 -10.45
CA ILE B 163 10.32 19.96 -9.72
C ILE B 163 10.66 19.87 -8.24
N THR B 164 11.08 20.98 -7.65
CA THR B 164 11.58 20.96 -6.27
C THR B 164 10.54 21.35 -5.25
N SER B 165 9.37 21.83 -5.66
CA SER B 165 8.34 22.20 -4.70
C SER B 165 6.96 21.99 -5.31
N ALA B 166 5.97 21.89 -4.43
CA ALA B 166 4.60 21.72 -4.89
C ALA B 166 4.11 23.02 -5.54
N PRO B 167 3.37 22.92 -6.64
CA PRO B 167 2.90 24.12 -7.35
C PRO B 167 1.87 24.87 -6.53
N LYS B 168 2.10 26.18 -6.36
CA LYS B 168 1.16 27.04 -5.67
C LYS B 168 0.20 27.73 -6.62
N THR B 169 0.67 28.02 -7.84
CA THR B 169 -0.09 28.70 -8.87
C THR B 169 -0.38 27.76 -10.04
N TRP B 170 -1.32 28.18 -10.91
CA TRP B 170 -1.65 27.38 -12.08
C TRP B 170 -0.46 27.25 -13.04
N ASP B 171 0.29 28.34 -13.25
CA ASP B 171 1.41 28.29 -14.19
C ASP B 171 2.53 27.39 -13.67
N GLU B 172 2.76 27.41 -12.36
CA GLU B 172 3.68 26.45 -11.76
C GLU B 172 3.17 25.02 -11.96
N PHE B 173 1.86 24.84 -11.88
CA PHE B 173 1.23 23.53 -12.03
C PHE B 173 1.42 23.00 -13.45
N THR B 174 1.10 23.81 -14.46
CA THR B 174 1.30 23.37 -15.84
C THR B 174 2.77 23.14 -16.15
N LYS B 175 3.66 23.92 -15.54
CA LYS B 175 5.09 23.72 -15.77
C LYS B 175 5.54 22.38 -15.20
N ALA B 176 5.01 22.00 -14.05
CA ALA B 176 5.27 20.68 -13.50
C ALA B 176 4.77 19.57 -14.43
N LEU B 177 3.53 19.73 -14.93
CA LEU B 177 2.98 18.71 -15.82
C LEU B 177 3.83 18.53 -17.07
N GLU B 178 4.34 19.65 -17.64
CA GLU B 178 5.24 19.58 -18.79
C GLU B 178 6.52 18.82 -18.44
N ALA B 179 7.15 19.20 -17.32
CA ALA B 179 8.41 18.59 -16.93
C ALA B 179 8.24 17.11 -16.67
N LEU B 180 7.16 16.73 -15.99
CA LEU B 180 6.89 15.31 -15.80
C LEU B 180 6.69 14.64 -17.13
N LYS B 181 6.03 15.34 -18.08
CA LYS B 181 5.64 14.51 -19.17
C LYS B 181 6.83 14.38 -20.13
N ALA B 182 7.79 15.32 -20.08
CA ALA B 182 9.09 15.18 -20.76
C ALA B 182 9.94 14.06 -20.17
N LYS B 183 9.59 13.56 -18.99
CA LYS B 183 10.32 12.47 -18.36
C LYS B 183 9.62 11.13 -18.50
N ASN B 184 8.59 11.06 -19.33
CA ASN B 184 7.86 9.82 -19.62
C ASN B 184 7.12 9.32 -18.36
N ILE B 185 6.69 10.25 -17.52
CA ILE B 185 5.91 9.94 -16.31
C ILE B 185 4.47 10.35 -16.54
N THR B 186 3.53 9.45 -16.25
CA THR B 186 2.12 9.81 -16.27
C THR B 186 1.87 10.92 -15.24
N PRO B 187 1.46 12.11 -15.66
CA PRO B 187 1.38 13.22 -14.68
C PRO B 187 0.26 13.05 -13.68
N ILE B 188 -0.98 12.83 -14.12
CA ILE B 188 -2.14 12.79 -13.25
C ILE B 188 -2.83 11.46 -13.43
N ALA B 189 -2.78 10.62 -12.38
CA ALA B 189 -3.59 9.41 -12.38
C ALA B 189 -5.06 9.76 -12.21
N LEU B 190 -5.93 8.98 -12.85
CA LEU B 190 -7.37 9.19 -12.75
C LEU B 190 -8.11 8.03 -13.40
N GLY B 191 -8.97 7.37 -12.62
CA GLY B 191 -9.80 6.31 -13.12
C GLY B 191 -11.25 6.74 -13.16
N GLY B 192 -11.72 7.08 -14.35
CA GLY B 192 -13.05 7.63 -14.52
C GLY B 192 -13.86 6.91 -15.58
N GLY B 193 -13.64 5.60 -15.71
CA GLY B 193 -14.39 4.80 -16.67
C GLY B 193 -15.67 4.27 -16.08
N SER B 194 -16.34 3.41 -16.85
CA SER B 194 -17.54 2.70 -16.43
C SER B 194 -18.51 3.63 -15.71
N GLY B 195 -18.78 3.37 -14.43
CA GLY B 195 -19.66 4.26 -13.69
C GLY B 195 -18.92 5.19 -12.76
N ASP B 196 -17.65 5.48 -13.06
CA ASP B 196 -16.80 6.26 -12.16
C ASP B 196 -16.65 7.71 -12.59
N GLY B 197 -17.63 8.25 -13.33
CA GLY B 197 -17.57 9.66 -13.72
C GLY B 197 -17.44 10.61 -12.54
N TRP B 198 -17.98 10.23 -11.39
CA TRP B 198 -17.85 11.10 -10.21
C TRP B 198 -16.39 11.36 -9.88
N ALA B 199 -15.49 10.42 -10.21
CA ALA B 199 -14.07 10.63 -9.91
C ALA B 199 -13.48 11.75 -10.75
N ILE B 200 -13.91 11.86 -12.01
CA ILE B 200 -13.52 13.02 -12.82
C ILE B 200 -14.11 14.30 -12.23
N ASN B 201 -15.33 14.19 -11.70
CA ASN B 201 -16.02 15.37 -11.18
C ASN B 201 -15.32 15.96 -9.97
N MET B 202 -14.55 15.14 -9.24
CA MET B 202 -13.74 15.68 -8.16
CA MET B 202 -13.74 15.69 -8.15
C MET B 202 -12.81 16.77 -8.67
N LEU B 203 -12.08 16.47 -9.75
CA LEU B 203 -11.16 17.44 -10.32
C LEU B 203 -11.94 18.53 -11.04
N ALA B 204 -12.97 18.14 -11.79
CA ALA B 204 -13.81 19.15 -12.40
C ALA B 204 -14.36 20.08 -11.36
N ASN B 205 -14.60 19.57 -10.14
CA ASN B 205 -15.54 20.25 -9.26
C ASN B 205 -14.76 21.51 -8.92
N SER B 206 -13.46 21.28 -8.61
CA SER B 206 -12.51 22.23 -8.04
C SER B 206 -11.94 23.17 -9.08
N LEU B 207 -11.81 22.71 -10.33
CA LEU B 207 -11.55 23.67 -11.40
C LEU B 207 -12.56 24.79 -11.47
N PHE B 208 -13.86 24.49 -11.33
CA PHE B 208 -14.77 25.35 -12.07
C PHE B 208 -15.07 26.36 -10.99
N VAL B 209 -14.88 25.90 -9.73
CA VAL B 209 -14.92 26.69 -8.50
C VAL B 209 -13.69 27.57 -8.40
N ALA B 210 -12.53 27.04 -8.81
CA ALA B 210 -11.34 27.89 -8.90
C ALA B 210 -11.56 29.02 -9.88
N THR B 211 -12.20 28.73 -11.03
CA THR B 211 -12.38 29.75 -12.05
C THR B 211 -13.58 30.64 -11.76
N ALA B 212 -14.68 30.05 -11.30
CA ALA B 212 -15.93 30.79 -11.13
C ALA B 212 -16.21 31.21 -9.69
N GLY B 213 -15.55 30.61 -8.70
CA GLY B 213 -15.80 30.94 -7.33
C GLY B 213 -16.81 30.00 -6.68
N PRO B 214 -16.85 29.98 -5.35
CA PRO B 214 -17.71 29.03 -4.65
C PRO B 214 -19.18 29.35 -4.81
N GLU B 215 -19.52 30.62 -5.03
CA GLU B 215 -20.91 31.05 -5.08
C GLU B 215 -21.61 30.62 -6.35
N ALA B 216 -20.87 30.25 -7.39
CA ALA B 216 -21.50 29.79 -8.62
C ALA B 216 -22.33 28.54 -8.37
N GLN B 217 -21.71 27.53 -7.76
CA GLN B 217 -22.43 26.28 -7.51
C GLN B 217 -23.50 26.41 -6.45
N GLU B 218 -23.40 27.41 -5.56
CA GLU B 218 -24.46 27.67 -4.60
C GLU B 218 -25.74 28.15 -5.29
N GLY B 219 -25.62 28.77 -6.46
CA GLY B 219 -26.78 29.36 -7.10
C GLY B 219 -27.44 28.52 -8.18
N PHE B 220 -26.82 27.40 -8.57
CA PHE B 220 -27.33 26.59 -9.67
C PHE B 220 -28.76 26.16 -9.43
N ALA B 221 -29.04 25.57 -8.26
CA ALA B 221 -30.38 25.07 -7.98
C ALA B 221 -31.37 26.20 -7.70
N LYS B 222 -30.89 27.37 -7.32
CA LYS B 222 -31.75 28.49 -6.99
C LYS B 222 -32.01 29.40 -8.19
N GLY B 223 -31.42 29.09 -9.35
CA GLY B 223 -31.64 29.86 -10.56
C GLY B 223 -30.91 31.17 -10.62
N THR B 224 -30.10 31.50 -9.61
CA THR B 224 -29.37 32.75 -9.57
C THR B 224 -28.04 32.70 -10.30
N THR B 225 -27.50 31.50 -10.56
CA THR B 225 -26.26 31.35 -11.32
C THR B 225 -26.44 30.24 -12.34
N LYS B 226 -25.61 30.25 -13.38
CA LYS B 226 -25.77 29.34 -14.50
C LYS B 226 -24.49 28.54 -14.75
N TRP B 227 -24.68 27.29 -15.19
CA TRP B 227 -23.58 26.47 -15.66
C TRP B 227 -22.88 27.10 -16.86
N THR B 228 -23.64 27.81 -17.69
CA THR B 228 -23.14 28.45 -18.89
C THR B 228 -22.43 29.78 -18.63
N ASP B 229 -22.25 30.16 -17.37
CA ASP B 229 -21.47 31.35 -17.09
C ASP B 229 -20.06 31.17 -17.63
N PRO B 230 -19.48 32.21 -18.26
CA PRO B 230 -18.13 32.08 -18.83
C PRO B 230 -17.10 31.52 -17.86
N ALA B 231 -17.17 31.90 -16.59
CA ALA B 231 -16.19 31.44 -15.62
C ALA B 231 -16.33 29.94 -15.36
N VAL B 232 -17.56 29.43 -15.34
CA VAL B 232 -17.75 27.99 -15.17
C VAL B 232 -17.24 27.26 -16.40
N LEU B 233 -17.62 27.72 -17.58
CA LEU B 233 -17.13 27.14 -18.82
C LEU B 233 -15.61 27.05 -18.84
N ASP B 234 -14.93 28.11 -18.37
CA ASP B 234 -13.48 28.12 -18.38
C ASP B 234 -12.91 26.94 -17.60
N GLY B 235 -13.54 26.59 -16.48
CA GLY B 235 -13.10 25.41 -15.75
C GLY B 235 -13.15 24.16 -16.60
N PHE B 236 -14.20 24.00 -17.40
CA PHE B 236 -14.31 22.80 -18.23
C PHE B 236 -13.41 22.87 -19.46
N LYS B 237 -13.08 24.08 -19.95
CA LYS B 237 -12.06 24.15 -20.98
C LYS B 237 -10.71 23.70 -20.43
N ARG B 238 -10.41 24.06 -19.19
CA ARG B 238 -9.13 23.66 -18.59
C ARG B 238 -9.08 22.16 -18.39
N LEU B 239 -10.20 21.56 -17.98
CA LEU B 239 -10.26 20.12 -17.80
C LEU B 239 -9.96 19.37 -19.11
N LYS B 240 -10.62 19.79 -20.19
CA LYS B 240 -10.39 19.15 -21.48
C LYS B 240 -8.94 19.28 -21.92
N ASP B 241 -8.33 20.44 -21.68
CA ASP B 241 -6.94 20.64 -22.09
C ASP B 241 -5.98 19.76 -21.31
N LEU B 242 -6.29 19.48 -20.04
CA LEU B 242 -5.41 18.57 -19.28
C LEU B 242 -5.42 17.19 -19.93
N LYS B 243 -6.56 16.76 -20.46
CA LYS B 243 -6.65 15.48 -21.15
C LYS B 243 -5.97 15.54 -22.51
N ASP B 244 -6.26 16.60 -23.29
CA ASP B 244 -5.68 16.73 -24.63
C ASP B 244 -4.16 16.82 -24.59
N LYS B 245 -3.59 17.45 -23.56
CA LYS B 245 -2.15 17.56 -23.42
C LYS B 245 -1.50 16.28 -22.95
N GLY B 246 -2.29 15.25 -22.63
CA GLY B 246 -1.73 14.05 -22.04
C GLY B 246 -1.32 14.18 -20.60
N TYR B 247 -1.82 15.20 -19.89
CA TYR B 247 -1.52 15.33 -18.46
C TYR B 247 -2.39 14.41 -17.64
N ILE B 248 -3.69 14.34 -17.93
CA ILE B 248 -4.53 13.29 -17.39
C ILE B 248 -4.23 12.01 -18.14
N ASP B 249 -4.08 10.90 -17.40
CA ASP B 249 -3.82 9.56 -17.93
C ASP B 249 -4.66 9.32 -19.18
N PRO B 250 -4.03 9.07 -20.33
CA PRO B 250 -4.80 8.78 -21.57
C PRO B 250 -5.78 7.63 -21.41
N ASN B 251 -5.52 6.67 -20.52
CA ASN B 251 -6.43 5.57 -20.27
C ASN B 251 -7.46 5.89 -19.19
N VAL B 252 -7.71 7.16 -18.89
CA VAL B 252 -8.67 7.52 -17.84
C VAL B 252 -10.00 6.81 -18.00
N LEU B 253 -10.51 6.73 -19.24
CA LEU B 253 -11.83 6.13 -19.43
C LEU B 253 -11.80 4.61 -19.45
N GLY B 254 -10.62 3.99 -19.52
CA GLY B 254 -10.50 2.55 -19.42
C GLY B 254 -10.17 2.02 -18.05
N LEU B 255 -10.16 2.87 -17.01
CA LEU B 255 -9.73 2.48 -15.67
C LEU B 255 -10.83 2.76 -14.65
N LYS B 256 -10.98 1.83 -13.71
CA LYS B 256 -11.86 2.02 -12.57
C LYS B 256 -11.24 3.03 -11.62
N TYR B 257 -12.11 3.62 -10.77
CA TYR B 257 -11.65 4.61 -9.78
C TYR B 257 -10.47 4.07 -8.98
N SER B 258 -10.60 2.83 -8.46
CA SER B 258 -9.54 2.24 -7.64
C SER B 258 -8.29 1.93 -8.46
N GLU B 259 -8.43 1.75 -9.77
CA GLU B 259 -7.28 1.47 -10.63
C GLU B 259 -6.46 2.74 -10.88
N GLY B 260 -7.12 3.88 -11.02
CA GLY B 260 -6.38 5.14 -11.02
C GLY B 260 -5.65 5.37 -9.71
N GLN B 261 -6.30 5.06 -8.58
CA GLN B 261 -5.65 5.23 -7.28
C GLN B 261 -4.43 4.35 -7.18
N ALA B 262 -4.58 3.07 -7.57
CA ALA B 262 -3.48 2.12 -7.49
C ALA B 262 -2.31 2.53 -8.38
N LYS B 263 -2.62 3.09 -9.55
CA LYS B 263 -1.54 3.55 -10.41
C LYS B 263 -0.69 4.60 -9.68
N PHE B 264 -1.34 5.48 -8.89
CA PHE B 264 -0.58 6.46 -8.13
C PHE B 264 0.17 5.82 -6.96
N TYR B 265 -0.52 5.05 -6.11
CA TYR B 265 0.19 4.55 -4.94
C TYR B 265 1.14 3.38 -5.23
N THR B 266 1.14 2.85 -6.45
CA THR B 266 2.21 1.93 -6.89
C THR B 266 3.36 2.65 -7.60
N GLY B 267 3.33 3.99 -7.63
CA GLY B 267 4.46 4.74 -8.14
C GLY B 267 4.48 4.95 -9.64
N GLN B 268 3.33 4.79 -10.31
CA GLN B 268 3.26 4.86 -11.77
C GLN B 268 2.57 6.14 -12.27
N ALA B 269 2.37 7.12 -11.39
CA ALA B 269 1.84 8.40 -11.83
C ALA B 269 2.26 9.44 -10.80
N ALA B 270 2.47 10.66 -11.27
CA ALA B 270 3.08 11.68 -10.43
C ALA B 270 2.12 12.25 -9.40
N MET B 271 0.84 12.31 -9.71
CA MET B 271 -0.08 12.89 -8.75
C MET B 271 -1.46 12.30 -8.97
N LEU B 272 -2.33 12.57 -8.00
CA LEU B 272 -3.67 12.01 -7.96
C LEU B 272 -4.56 13.04 -7.30
N PHE B 273 -5.67 13.40 -7.93
CA PHE B 273 -6.64 14.28 -7.27
C PHE B 273 -7.68 13.40 -6.60
N ASP B 274 -7.74 13.45 -5.28
CA ASP B 274 -8.60 12.49 -4.58
C ASP B 274 -9.03 13.06 -3.25
N GLY B 275 -10.00 12.36 -2.61
CA GLY B 275 -10.50 12.75 -1.32
C GLY B 275 -9.71 12.14 -0.18
N SER B 276 -9.81 12.79 0.98
CA SER B 276 -9.02 12.38 2.14
C SER B 276 -9.43 11.00 2.67
N TRP B 277 -10.55 10.46 2.23
CA TRP B 277 -10.85 9.05 2.57
C TRP B 277 -9.83 8.10 1.95
N ALA B 278 -9.06 8.56 0.96
CA ALA B 278 -8.05 7.73 0.30
C ALA B 278 -6.69 7.77 1.00
N THR B 279 -6.50 8.65 1.98
CA THR B 279 -5.20 8.75 2.64
C THR B 279 -4.71 7.41 3.19
N SER B 280 -5.60 6.67 3.84
CA SER B 280 -5.15 5.40 4.43
C SER B 280 -4.64 4.43 3.37
N ALA B 281 -5.31 4.37 2.21
CA ALA B 281 -4.84 3.50 1.13
C ALA B 281 -3.48 3.96 0.59
N ILE B 282 -3.31 5.27 0.42
CA ILE B 282 -2.06 5.85 -0.07
C ILE B 282 -0.92 5.59 0.91
N LEU B 283 -1.26 5.35 2.18
CA LEU B 283 -0.27 5.12 3.22
C LEU B 283 -0.17 3.66 3.59
N ASP B 284 -0.92 2.79 2.92
CA ASP B 284 -1.01 1.39 3.31
C ASP B 284 0.37 0.73 3.34
N LYS B 285 0.77 0.27 4.52
CA LYS B 285 2.10 -0.29 4.69
C LYS B 285 2.28 -1.60 3.93
N ASP B 286 1.20 -2.24 3.49
CA ASP B 286 1.30 -3.51 2.79
C ASP B 286 0.92 -3.41 1.31
N LYS B 287 0.57 -2.22 0.82
CA LYS B 287 0.24 -2.10 -0.60
C LYS B 287 0.89 -0.88 -1.23
N SER B 288 1.08 0.20 -0.49
CA SER B 288 1.56 1.44 -1.11
C SER B 288 3.09 1.45 -1.19
N THR B 289 3.61 1.91 -2.34
CA THR B 289 5.03 2.16 -2.48
C THR B 289 5.39 3.63 -2.37
N VAL B 290 4.39 4.52 -2.44
CA VAL B 290 4.65 5.95 -2.41
C VAL B 290 4.56 6.53 -0.99
N LYS B 291 4.15 5.70 -0.01
CA LYS B 291 3.93 6.15 1.37
C LYS B 291 5.13 6.87 1.98
N ASP B 292 6.34 6.62 1.48
CA ASP B 292 7.52 7.23 2.07
C ASP B 292 7.95 8.47 1.30
N ASN B 293 7.45 8.67 0.08
CA ASN B 293 7.80 9.81 -0.73
C ASN B 293 6.54 10.43 -1.33
N VAL B 294 5.60 10.79 -0.45
CA VAL B 294 4.32 11.34 -0.88
C VAL B 294 4.07 12.68 -0.19
N GLY B 295 3.54 13.64 -0.96
CA GLY B 295 3.19 14.93 -0.42
C GLY B 295 1.79 15.30 -0.81
N TYR B 296 1.37 16.55 -0.53
CA TYR B 296 -0.01 16.94 -0.79
C TYR B 296 -0.06 18.43 -1.07
N PHE B 297 -0.88 18.84 -2.04
CA PHE B 297 -1.12 20.27 -2.18
C PHE B 297 -2.56 20.54 -2.58
N ARG B 298 -3.12 21.61 -1.99
CA ARG B 298 -4.42 22.11 -2.36
C ARG B 298 -4.42 22.56 -3.83
N PHE B 299 -5.60 22.62 -4.43
CA PHE B 299 -5.72 23.05 -5.81
C PHE B 299 -5.01 24.39 -6.05
N PRO B 300 -4.19 24.51 -7.10
CA PRO B 300 -3.35 25.70 -7.27
C PRO B 300 -4.14 26.91 -7.72
N ASN B 301 -3.60 28.08 -7.44
CA ASN B 301 -4.32 29.33 -7.69
C ASN B 301 -4.22 29.75 -9.16
N ILE B 302 -5.39 29.88 -9.80
CA ILE B 302 -5.47 30.31 -11.18
C ILE B 302 -5.46 31.82 -11.30
N GLY B 303 -5.84 32.54 -10.24
CA GLY B 303 -6.01 33.97 -10.32
C GLY B 303 -7.41 34.40 -10.70
N GLY B 304 -8.37 33.49 -10.66
CA GLY B 304 -9.76 33.83 -10.91
C GLY B 304 -10.51 34.17 -9.63
N LYS B 305 -11.76 33.73 -9.54
CA LYS B 305 -12.60 34.07 -8.41
C LYS B 305 -12.47 33.10 -7.24
N GLY B 306 -11.71 32.02 -7.39
CA GLY B 306 -11.69 30.99 -6.36
C GLY B 306 -10.33 30.64 -5.79
N ASP B 307 -9.42 31.61 -5.71
CA ASP B 307 -8.07 31.35 -5.20
C ASP B 307 -8.11 30.91 -3.73
N ASN B 308 -7.21 30.00 -3.38
CA ASN B 308 -6.95 29.60 -1.98
C ASN B 308 -8.17 28.96 -1.31
N LEU B 309 -9.00 28.30 -2.09
CA LEU B 309 -10.12 27.52 -1.57
C LEU B 309 -9.75 26.04 -1.59
N ILE B 310 -10.43 25.27 -0.72
CA ILE B 310 -10.29 23.82 -0.69
C ILE B 310 -11.67 23.18 -0.66
N ASN B 311 -11.86 22.13 -1.47
CA ASN B 311 -13.11 21.40 -1.46
C ASN B 311 -13.19 20.63 -0.15
N GLY B 312 -14.15 20.97 0.69
CA GLY B 312 -14.28 20.31 1.97
C GLY B 312 -15.74 20.17 2.37
N GLY B 313 -16.11 19.01 2.90
CA GLY B 313 -17.50 18.78 3.25
C GLY B 313 -17.61 17.95 4.51
N TRP B 314 -18.80 18.01 5.11
CA TRP B 314 -19.09 17.27 6.35
C TRP B 314 -20.48 16.68 6.18
N SER B 315 -20.53 15.43 5.70
CA SER B 315 -21.77 14.81 5.24
C SER B 315 -22.06 13.44 5.87
N ASN B 316 -21.26 13.00 6.83
CA ASN B 316 -21.54 11.71 7.45
C ASN B 316 -21.21 11.75 8.92
N GLY B 317 -22.09 11.17 9.73
CA GLY B 317 -21.91 11.16 11.15
C GLY B 317 -23.03 10.40 11.84
N TYR B 318 -23.37 10.79 13.06
CA TYR B 318 -24.37 10.10 13.85
C TYR B 318 -25.66 10.90 13.89
N GLY B 319 -26.78 10.23 13.64
CA GLY B 319 -28.09 10.77 13.92
C GLY B 319 -28.70 9.97 15.06
N PHE B 320 -29.82 10.49 15.58
CA PHE B 320 -30.44 9.92 16.76
C PHE B 320 -31.95 9.86 16.57
N SER B 321 -32.54 8.77 17.02
CA SER B 321 -33.99 8.63 16.89
C SER B 321 -34.69 9.72 17.68
N SER B 322 -35.83 10.19 17.15
CA SER B 322 -36.68 11.09 17.92
C SER B 322 -37.57 10.35 18.92
N HIS B 323 -37.68 9.04 18.82
CA HIS B 323 -38.65 8.26 19.60
C HIS B 323 -38.00 7.78 20.91
N LEU B 324 -37.66 8.73 21.76
CA LEU B 324 -36.87 8.47 22.96
C LEU B 324 -37.60 8.92 24.22
N ASN B 325 -37.46 8.16 25.29
CA ASN B 325 -37.92 8.58 26.61
C ASN B 325 -36.82 9.42 27.28
N ASP B 326 -37.10 9.92 28.49
CA ASP B 326 -36.13 10.79 29.15
C ASP B 326 -34.80 10.08 29.38
N ALA B 327 -34.85 8.83 29.85
CA ALA B 327 -33.63 8.08 30.13
C ALA B 327 -32.78 7.93 28.87
N GLU B 328 -33.42 7.68 27.73
CA GLU B 328 -32.68 7.57 26.48
C GLU B 328 -32.06 8.90 26.07
N LYS B 329 -32.79 10.01 26.25
CA LYS B 329 -32.25 11.32 25.89
C LYS B 329 -31.07 11.71 26.78
N LYS B 330 -31.11 11.41 28.07
CA LYS B 330 -29.95 11.71 28.92
C LYS B 330 -28.74 10.92 28.45
N ALA B 331 -28.95 9.68 28.01
CA ALA B 331 -27.87 8.83 27.55
C ALA B 331 -27.37 9.27 26.17
N VAL B 332 -28.27 9.71 25.30
CA VAL B 332 -27.86 10.25 24.01
C VAL B 332 -27.03 11.51 24.20
N LYS B 333 -27.50 12.42 25.07
CA LYS B 333 -26.73 13.60 25.41
C LYS B 333 -25.34 13.23 25.93
N ALA B 334 -25.27 12.26 26.83
CA ALA B 334 -23.98 11.86 27.39
C ALA B 334 -23.06 11.28 26.32
N PHE B 335 -23.62 10.51 25.38
CA PHE B 335 -22.81 9.96 24.30
C PHE B 335 -22.21 11.07 23.45
N ILE B 336 -23.05 12.03 23.05
CA ILE B 336 -22.59 13.16 22.26
C ILE B 336 -21.48 13.90 23.00
N LYS B 337 -21.73 14.19 24.28
CA LYS B 337 -20.75 14.86 25.12
C LYS B 337 -19.39 14.16 25.10
N ASN B 338 -19.38 12.84 25.16
CA ASN B 338 -18.13 12.09 25.25
C ASN B 338 -17.54 11.72 23.89
N PHE B 339 -18.36 11.69 22.83
CA PHE B 339 -17.83 11.33 21.51
C PHE B 339 -17.22 12.52 20.79
N TYR B 340 -17.88 13.67 20.86
CA TYR B 340 -17.48 14.86 20.11
C TYR B 340 -16.59 15.74 20.99
N THR B 341 -15.36 15.27 21.17
CA THR B 341 -14.33 16.01 21.88
C THR B 341 -13.10 16.14 20.99
N LEU B 342 -12.28 17.14 21.29
CA LEU B 342 -11.03 17.31 20.56
C LEU B 342 -10.15 16.08 20.67
N GLU B 343 -10.14 15.45 21.84
CA GLU B 343 -9.34 14.25 22.04
C GLU B 343 -9.76 13.14 21.10
N ILE B 344 -11.06 12.84 21.03
CA ILE B 344 -11.53 11.75 20.17
C ILE B 344 -11.29 12.09 18.72
N GLN B 345 -11.58 13.33 18.33
CA GLN B 345 -11.32 13.77 16.97
C GLN B 345 -9.84 13.65 16.63
N GLY B 346 -8.97 14.09 17.54
CA GLY B 346 -7.53 14.00 17.30
C GLY B 346 -7.01 12.58 17.13
N GLU B 347 -7.48 11.65 17.96
CA GLU B 347 -7.03 10.27 17.83
C GLU B 347 -7.48 9.65 16.50
N ALA B 348 -8.71 9.94 16.07
CA ALA B 348 -9.15 9.45 14.77
C ALA B 348 -8.28 10.01 13.65
N LEU B 349 -7.90 11.28 13.79
CA LEU B 349 -7.05 11.93 12.79
C LEU B 349 -5.69 11.24 12.74
N GLY B 350 -5.05 11.07 13.90
CA GLY B 350 -3.71 10.53 13.95
C GLY B 350 -3.63 9.05 13.59
N ARG B 351 -4.59 8.24 14.08
CA ARG B 351 -4.52 6.80 13.85
CA ARG B 351 -4.51 6.81 13.84
C ARG B 351 -5.12 6.40 12.50
N ASP B 352 -6.22 7.03 12.08
CA ASP B 352 -6.92 6.61 10.87
C ASP B 352 -7.01 7.68 9.80
N ASN B 353 -6.29 8.79 9.95
CA ASN B 353 -6.26 9.84 8.93
C ASN B 353 -7.65 10.43 8.67
N ARG B 354 -8.50 10.47 9.69
CA ARG B 354 -9.84 11.01 9.56
C ARG B 354 -9.85 12.52 9.74
N VAL B 355 -10.25 13.24 8.70
CA VAL B 355 -10.26 14.70 8.77
C VAL B 355 -11.30 15.15 9.79
N PRO B 356 -10.95 16.03 10.73
CA PRO B 356 -11.88 16.40 11.79
C PRO B 356 -13.16 17.04 11.27
N SER B 357 -14.23 16.87 12.05
CA SER B 357 -15.45 17.64 11.82
C SER B 357 -15.59 18.80 12.80
N MET B 358 -14.72 18.85 13.80
CA MET B 358 -14.73 19.84 14.87
C MET B 358 -13.56 20.79 14.68
N LYS B 359 -13.77 22.05 15.07
CA LYS B 359 -12.74 23.07 14.91
C LYS B 359 -11.70 22.97 16.03
N GLY B 360 -10.47 23.34 15.70
CA GLY B 360 -9.42 23.43 16.72
C GLY B 360 -8.79 22.13 17.14
N VAL B 361 -8.84 21.10 16.32
CA VAL B 361 -8.27 19.79 16.65
C VAL B 361 -6.80 19.82 16.23
N PRO B 362 -5.86 19.66 17.16
CA PRO B 362 -4.45 19.59 16.77
C PRO B 362 -4.15 18.25 16.10
N THR B 363 -3.29 18.28 15.09
CA THR B 363 -2.83 17.03 14.49
C THR B 363 -1.82 16.38 15.43
N PRO B 364 -2.03 15.13 15.83
CA PRO B 364 -1.11 14.50 16.79
C PRO B 364 0.28 14.28 16.18
N ALA B 365 1.28 14.25 17.08
CA ALA B 365 2.66 14.05 16.63
C ALA B 365 2.81 12.71 15.91
N GLU B 366 2.09 11.69 16.36
CA GLU B 366 2.19 10.36 15.79
C GLU B 366 1.52 10.23 14.42
N ALA B 367 0.81 11.26 13.97
CA ALA B 367 0.21 11.21 12.65
C ALA B 367 1.30 11.14 11.56
N ALA B 368 0.93 10.57 10.41
CA ALA B 368 1.87 10.48 9.30
C ALA B 368 2.12 11.86 8.70
N PRO B 369 3.29 12.06 8.08
CA PRO B 369 3.58 13.34 7.39
C PRO B 369 2.47 13.77 6.42
N LEU B 370 2.00 12.84 5.58
CA LEU B 370 0.95 13.14 4.61
C LEU B 370 -0.30 13.65 5.32
N THR B 371 -0.68 12.97 6.40
CA THR B 371 -1.86 13.38 7.14
C THR B 371 -1.70 14.78 7.71
N LYS B 372 -0.51 15.10 8.23
CA LYS B 372 -0.25 16.46 8.70
C LYS B 372 -0.36 17.46 7.55
N ALA B 373 0.15 17.08 6.37
CA ALA B 373 0.11 17.98 5.22
C ALA B 373 -1.32 18.28 4.80
N ILE B 374 -2.18 17.24 4.78
CA ILE B 374 -3.58 17.44 4.41
C ILE B 374 -4.27 18.36 5.42
N GLY B 375 -3.97 18.20 6.71
CA GLY B 375 -4.54 19.11 7.69
C GLY B 375 -4.12 20.54 7.48
N GLU B 376 -2.85 20.75 7.13
CA GLU B 376 -2.36 22.11 6.96
CA GLU B 376 -2.36 22.11 6.96
C GLU B 376 -2.82 22.72 5.65
N ALA B 377 -3.07 21.91 4.63
CA ALA B 377 -3.65 22.42 3.39
C ALA B 377 -5.07 22.97 3.62
N GLN B 378 -5.85 22.31 4.48
CA GLN B 378 -7.18 22.83 4.82
C GLN B 378 -7.07 24.05 5.73
N ALA B 379 -6.19 24.01 6.73
CA ALA B 379 -6.07 25.12 7.66
C ALA B 379 -5.62 26.41 6.98
N SER B 380 -4.81 26.33 5.93
CA SER B 380 -4.26 27.50 5.27
C SER B 380 -5.19 28.03 4.19
N ALA B 381 -6.25 27.31 3.85
CA ALA B 381 -7.23 27.81 2.90
C ALA B 381 -8.03 28.96 3.52
N LYS B 382 -8.48 29.89 2.69
CA LYS B 382 -9.30 30.93 3.28
C LYS B 382 -10.70 30.43 3.61
N ALA B 383 -11.15 29.36 2.94
CA ALA B 383 -12.48 28.82 3.15
C ALA B 383 -12.57 27.46 2.47
N ALA B 384 -13.51 26.66 2.96
CA ALA B 384 -13.82 25.37 2.37
C ALA B 384 -15.15 25.49 1.63
N PHE B 385 -15.29 24.73 0.54
CA PHE B 385 -16.56 24.69 -0.17
C PHE B 385 -17.01 23.25 -0.34
N PRO B 386 -18.32 23.00 -0.28
CA PRO B 386 -18.83 21.62 -0.37
C PRO B 386 -18.72 21.10 -1.79
N ALA B 387 -18.89 19.78 -1.90
CA ALA B 387 -19.00 19.17 -3.21
C ALA B 387 -20.28 19.66 -3.89
N PHE B 388 -20.21 19.90 -5.21
CA PHE B 388 -21.39 20.39 -5.93
C PHE B 388 -22.58 19.47 -5.77
N ASP B 389 -22.35 18.17 -5.63
CA ASP B 389 -23.46 17.23 -5.50
C ASP B 389 -24.24 17.41 -4.22
N ALA B 390 -23.72 18.21 -3.28
CA ALA B 390 -24.49 18.62 -2.12
C ALA B 390 -25.46 19.76 -2.41
N LEU B 391 -25.33 20.41 -3.57
CA LEU B 391 -26.09 21.61 -3.87
C LEU B 391 -27.00 21.48 -5.09
N VAL B 392 -26.98 20.36 -5.80
CA VAL B 392 -27.79 20.16 -7.00
C VAL B 392 -28.50 18.82 -6.89
N GLN B 393 -29.53 18.66 -7.74
CA GLN B 393 -30.38 17.50 -7.71
C GLN B 393 -29.66 16.28 -8.30
N PRO B 394 -30.08 15.07 -7.90
CA PRO B 394 -29.48 13.85 -8.45
C PRO B 394 -29.40 13.82 -9.96
N LYS B 395 -30.47 14.22 -10.68
CA LYS B 395 -30.41 14.22 -12.13
C LYS B 395 -29.28 15.10 -12.65
N VAL B 396 -29.02 16.23 -11.98
CA VAL B 396 -27.93 17.10 -12.39
C VAL B 396 -26.58 16.39 -12.18
N LYS B 397 -26.42 15.69 -11.05
CA LYS B 397 -25.17 15.01 -10.75
C LYS B 397 -24.86 13.94 -11.81
N VAL B 398 -25.84 13.10 -12.13
CA VAL B 398 -25.65 12.03 -13.11
CA VAL B 398 -25.61 12.04 -13.10
C VAL B 398 -25.31 12.61 -14.47
N THR B 399 -25.98 13.69 -14.86
CA THR B 399 -25.71 14.28 -16.17
C THR B 399 -24.27 14.82 -16.26
N LEU B 400 -23.78 15.43 -15.19
CA LEU B 400 -22.39 15.87 -15.21
C LEU B 400 -21.43 14.69 -15.29
N GLU B 401 -21.70 13.63 -14.51
CA GLU B 401 -20.87 12.42 -14.57
C GLU B 401 -20.77 11.89 -16.00
N GLN B 402 -21.91 11.78 -16.69
CA GLN B 402 -21.88 11.30 -18.07
C GLN B 402 -21.15 12.27 -18.97
N SER B 403 -21.36 13.58 -18.77
CA SER B 403 -20.84 14.59 -19.69
C SER B 403 -19.33 14.71 -19.58
N VAL B 404 -18.77 14.66 -18.37
CA VAL B 404 -17.31 14.79 -18.26
C VAL B 404 -16.63 13.57 -18.86
N GLN B 405 -17.25 12.40 -18.77
CA GLN B 405 -16.70 11.23 -19.47
C GLN B 405 -16.68 11.47 -20.97
N GLU B 406 -17.79 11.99 -21.51
CA GLU B 406 -17.86 12.30 -22.94
C GLU B 406 -16.88 13.41 -23.30
N LEU B 407 -16.69 14.39 -22.41
CA LEU B 407 -15.71 15.45 -22.63
C LEU B 407 -14.30 14.89 -22.75
N LEU B 408 -13.90 14.02 -21.81
CA LEU B 408 -12.56 13.47 -21.88
C LEU B 408 -12.40 12.44 -22.99
N GLY B 409 -13.50 11.89 -23.48
CA GLY B 409 -13.48 10.94 -24.58
C GLY B 409 -13.56 11.54 -25.95
N GLY B 410 -13.68 12.86 -26.05
CA GLY B 410 -13.68 13.56 -27.31
C GLY B 410 -15.03 13.69 -27.97
N GLN B 411 -16.10 13.27 -27.32
CA GLN B 411 -17.44 13.35 -27.89
C GLN B 411 -18.15 14.67 -27.60
N LEU B 412 -17.63 15.51 -26.70
CA LEU B 412 -18.38 16.68 -26.26
C LEU B 412 -17.42 17.85 -26.03
N THR B 413 -17.80 19.01 -26.54
CA THR B 413 -17.04 20.22 -26.29
C THR B 413 -17.38 20.79 -24.91
N PRO B 414 -16.49 21.62 -24.34
CA PRO B 414 -16.87 22.31 -23.09
C PRO B 414 -18.12 23.15 -23.23
N GLU B 415 -18.30 23.79 -24.39
CA GLU B 415 -19.49 24.61 -24.61
C GLU B 415 -20.77 23.78 -24.59
N LYS B 416 -20.82 22.70 -25.38
CA LYS B 416 -21.96 21.79 -25.29
C LYS B 416 -22.13 21.21 -23.90
N LEU B 417 -21.04 20.97 -23.17
CA LEU B 417 -21.20 20.39 -21.84
C LEU B 417 -22.00 21.31 -20.94
N VAL B 418 -21.63 22.60 -20.90
CA VAL B 418 -22.31 23.52 -19.98
C VAL B 418 -23.71 23.84 -20.47
N GLU B 419 -23.93 23.80 -21.79
CA GLU B 419 -25.28 23.95 -22.32
C GLU B 419 -26.18 22.80 -21.86
N LYS B 420 -25.69 21.56 -22.01
CA LYS B 420 -26.41 20.39 -21.49
C LYS B 420 -26.67 20.51 -19.99
N MET B 421 -25.70 21.00 -19.23
CA MET B 421 -25.90 21.09 -17.78
C MET B 421 -26.96 22.12 -17.41
N GLN B 422 -26.99 23.24 -18.12
CA GLN B 422 -28.01 24.23 -17.80
C GLN B 422 -29.40 23.75 -18.22
N LYS B 423 -29.50 22.98 -19.31
CA LYS B 423 -30.79 22.42 -19.68
C LYS B 423 -31.32 21.50 -18.58
N VAL B 424 -30.49 20.58 -18.10
CA VAL B 424 -30.92 19.66 -17.06
C VAL B 424 -31.12 20.41 -15.74
N GLN B 425 -30.26 21.38 -15.44
CA GLN B 425 -30.46 22.21 -14.24
C GLN B 425 -31.82 22.91 -14.27
N ASP B 426 -32.15 23.53 -15.41
CA ASP B 426 -33.46 24.18 -15.53
C ASP B 426 -34.59 23.18 -15.39
N GLU B 427 -34.45 22.00 -15.98
CA GLU B 427 -35.47 20.97 -15.85
C GLU B 427 -35.67 20.60 -14.38
N ALA B 428 -34.57 20.40 -13.64
CA ALA B 428 -34.68 20.00 -12.25
C ALA B 428 -35.23 21.12 -11.38
N ASN B 429 -34.91 22.38 -11.69
CA ASN B 429 -35.41 23.49 -10.88
C ASN B 429 -36.91 23.68 -11.06
N ALA B 430 -37.45 23.33 -12.23
CA ALA B 430 -38.89 23.42 -12.43
C ALA B 430 -39.61 22.33 -11.63
N GLY B 431 -39.21 21.07 -11.82
CA GLY B 431 -39.77 19.97 -11.07
C GLY B 431 -39.37 20.00 -9.61
O1 PG4 C . 5.91 2.50 -18.58
C1 PG4 C . 5.76 1.11 -18.70
C2 PG4 C . 5.43 0.49 -17.33
O2 PG4 C . 6.38 0.89 -16.36
C3 PG4 C . 6.07 0.43 -15.08
C4 PG4 C . 6.98 1.07 -14.05
O3 PG4 C . 6.57 2.39 -13.79
C5 PG4 C . 7.40 3.09 -12.91
C6 PG4 C . 7.32 4.59 -13.19
O4 PG4 C . 7.98 4.90 -14.38
C7 PG4 C . 8.24 6.28 -14.56
C8 PG4 C . 9.35 6.43 -15.60
O5 PG4 C . 8.88 6.00 -16.85
#